data_9BQ7
#
_entry.id   9BQ7
#
_cell.length_a   69.930
_cell.length_b   92.847
_cell.length_c   126.949
_cell.angle_alpha   90.00
_cell.angle_beta   90.00
_cell.angle_gamma   90.00
#
_symmetry.space_group_name_H-M   'P 21 21 21'
#
loop_
_entity.id
_entity.type
_entity.pdbx_description
1 polymer 'DNA topoisomerase 2-alpha'
2 non-polymer 'PHOSPHOAMINOPHOSPHONIC ACID-ADENYLATE ESTER'
3 non-polymer 'MAGNESIUM ION'
4 non-polymer 8-(3,4-dihydroquinoline-1(2H)-carbonyl)-5,7-dimethoxy-4-propyl-2H-1-benzopyran-2-one
5 non-polymer 'CHLORIDE ION'
6 non-polymer GLYCEROL
7 water water
#
_entity_poly.entity_id   1
_entity_poly.type   'polypeptide(L)'
_entity_poly.pdbx_seq_one_letter_code
;SNASVERIYQKKTQLEHILLRPDTYIGSVELVTQQMWVYDEDVGINYREVTFVPGLYKIFDEILVNAADNKQRDPKMSCI
RVTIDPENNLISIWNNGKGIPVVEHKVEKMYVPALIFGQLLTSSNYDDDEKKVTGGRNGYGAKLCNIFSTKFTVETASRE
YKKMFKQTWMDNMGRAGEMELKPFNGEDYTCITFQPDLSKFKMQSLDKDIVALMVRRAYDIAGSTKDVKVFLNGNKLPVK
GFRSYVDMYLKDKLDETGNSLKVIHEQVNHRWEVCLTMSEKGFQQISFVNSIATSKGGRHVDYVADQIVTKLVDVVKKKN
KGGVAVKAHQVKNHMWIFVNALIENPTFDSQTKENMTLQPKSFGSTCQLSEKFIKAAIGCGIVESILNWVKFKAQVQLN
;
_entity_poly.pdbx_strand_id   A,B
#
# COMPACT_ATOMS: atom_id res chain seq x y z
N ALA A 3 -33.53 6.97 4.62
CA ALA A 3 -32.97 8.31 4.57
C ALA A 3 -32.69 8.85 5.97
N SER A 4 -32.79 7.97 6.96
CA SER A 4 -32.64 8.38 8.35
C SER A 4 -31.16 8.50 8.72
N VAL A 5 -30.92 9.09 9.89
CA VAL A 5 -29.55 9.30 10.35
C VAL A 5 -28.88 7.98 10.67
N GLU A 6 -29.59 7.08 11.36
CA GLU A 6 -29.00 5.82 11.78
C GLU A 6 -28.74 4.87 10.63
N ARG A 7 -29.36 5.11 9.47
CA ARG A 7 -29.02 4.35 8.28
C ARG A 7 -27.81 4.96 7.58
N ILE A 8 -27.69 6.29 7.60
CA ILE A 8 -26.57 6.96 6.97
C ILE A 8 -25.28 6.74 7.75
N TYR A 9 -25.26 7.19 9.00
CA TYR A 9 -24.07 7.09 9.85
C TYR A 9 -24.13 5.77 10.61
N GLN A 10 -23.15 4.91 10.35
CA GLN A 10 -23.14 3.55 10.90
CA GLN A 10 -23.14 3.56 10.91
C GLN A 10 -21.78 3.25 11.51
N LYS A 11 -21.79 2.39 12.53
CA LYS A 11 -20.57 1.95 13.20
C LYS A 11 -20.44 0.44 13.05
N LYS A 12 -19.22 -0.02 12.80
CA LYS A 12 -18.94 -1.43 12.56
C LYS A 12 -18.01 -1.98 13.63
N THR A 13 -18.19 -3.27 13.93
CA THR A 13 -17.22 -3.97 14.77
C THR A 13 -15.98 -4.31 13.94
N GLN A 14 -14.94 -4.76 14.63
CA GLN A 14 -13.68 -5.08 13.95
C GLN A 14 -13.90 -6.16 12.89
N LEU A 15 -14.52 -7.28 13.27
CA LEU A 15 -14.80 -8.35 12.33
C LEU A 15 -15.72 -7.88 11.20
N GLU A 16 -16.77 -7.13 11.55
CA GLU A 16 -17.67 -6.57 10.54
C GLU A 16 -16.89 -5.75 9.52
N HIS A 17 -16.01 -4.87 10.00
CA HIS A 17 -15.26 -4.00 9.10
C HIS A 17 -14.30 -4.81 8.23
N ILE A 18 -13.69 -5.85 8.79
CA ILE A 18 -12.80 -6.70 8.00
C ILE A 18 -13.57 -7.37 6.87
N LEU A 19 -14.76 -7.89 7.16
CA LEU A 19 -15.53 -8.58 6.13
C LEU A 19 -16.14 -7.59 5.14
N LEU A 20 -16.40 -6.35 5.56
CA LEU A 20 -16.99 -5.32 4.73
C LEU A 20 -15.94 -4.58 3.90
N ARG A 21 -14.76 -4.35 4.47
CA ARG A 21 -13.67 -3.65 3.80
C ARG A 21 -12.43 -4.52 3.86
N PRO A 22 -12.38 -5.60 3.07
CA PRO A 22 -11.25 -6.54 3.17
C PRO A 22 -9.96 -6.03 2.55
N ASP A 23 -10.01 -4.95 1.76
CA ASP A 23 -8.90 -4.61 0.88
C ASP A 23 -7.64 -4.22 1.65
N THR A 24 -7.77 -3.42 2.70
CA THR A 24 -6.57 -3.05 3.45
C THR A 24 -6.07 -4.18 4.35
N TYR A 25 -6.88 -5.21 4.58
CA TYR A 25 -6.45 -6.33 5.40
C TYR A 25 -5.79 -7.44 4.59
N ILE A 26 -6.42 -7.88 3.49
CA ILE A 26 -5.91 -9.00 2.71
C ILE A 26 -5.72 -8.68 1.25
N GLY A 27 -5.98 -7.47 0.81
CA GLY A 27 -5.98 -7.18 -0.61
C GLY A 27 -7.35 -7.40 -1.22
N SER A 28 -7.40 -7.31 -2.55
CA SER A 28 -8.68 -7.34 -3.25
C SER A 28 -9.34 -8.71 -3.17
N VAL A 29 -10.66 -8.70 -3.00
CA VAL A 29 -11.46 -9.92 -3.05
C VAL A 29 -12.12 -10.11 -4.40
N GLU A 30 -11.73 -9.33 -5.40
CA GLU A 30 -12.22 -9.48 -6.77
C GLU A 30 -11.15 -10.15 -7.62
N LEU A 31 -11.59 -10.64 -8.78
CA LEU A 31 -10.67 -11.30 -9.69
C LEU A 31 -9.71 -10.30 -10.31
N VAL A 32 -8.46 -10.74 -10.45
CA VAL A 32 -7.39 -9.95 -11.05
C VAL A 32 -6.77 -10.80 -12.14
N THR A 33 -6.51 -10.19 -13.29
CA THR A 33 -5.83 -10.86 -14.40
C THR A 33 -4.55 -10.09 -14.69
N GLN A 34 -3.41 -10.72 -14.42
CA GLN A 34 -2.13 -10.05 -14.60
C GLN A 34 -1.03 -11.10 -14.72
N GLN A 35 0.10 -10.68 -15.26
CA GLN A 35 1.24 -11.58 -15.41
C GLN A 35 1.92 -11.80 -14.07
N MET A 36 2.12 -13.06 -13.72
CA MET A 36 2.74 -13.47 -12.48
C MET A 36 3.73 -14.58 -12.76
N TRP A 37 4.65 -14.78 -11.82
CA TRP A 37 5.46 -15.99 -11.78
C TRP A 37 4.69 -17.05 -11.02
N VAL A 38 4.59 -18.25 -11.61
CA VAL A 38 3.90 -19.37 -10.98
C VAL A 38 4.74 -20.62 -11.18
N TYR A 39 4.41 -21.68 -10.44
CA TYR A 39 5.00 -22.99 -10.63
C TYR A 39 3.93 -23.90 -11.23
N ASP A 40 3.94 -24.00 -12.56
CA ASP A 40 3.06 -24.92 -13.26
C ASP A 40 3.65 -26.32 -13.25
N GLU A 41 2.79 -27.31 -13.02
CA GLU A 41 3.23 -28.69 -13.10
C GLU A 41 3.81 -28.98 -14.47
N ASP A 42 5.04 -29.47 -14.49
CA ASP A 42 5.82 -29.91 -15.65
C ASP A 42 6.40 -28.76 -16.46
N VAL A 43 6.11 -27.50 -16.11
CA VAL A 43 6.86 -26.37 -16.63
C VAL A 43 7.77 -25.75 -15.58
N GLY A 44 7.59 -26.10 -14.30
CA GLY A 44 8.37 -25.46 -13.26
C GLY A 44 7.92 -24.02 -13.08
N ILE A 45 8.89 -23.16 -12.77
CA ILE A 45 8.62 -21.74 -12.61
C ILE A 45 8.52 -21.10 -13.99
N ASN A 46 7.50 -20.29 -14.19
CA ASN A 46 7.32 -19.60 -15.46
C ASN A 46 6.48 -18.35 -15.26
N TYR A 47 6.71 -17.38 -16.14
CA TYR A 47 6.04 -16.10 -16.14
C TYR A 47 4.88 -16.15 -17.12
N ARG A 48 3.65 -16.01 -16.62
CA ARG A 48 2.50 -16.07 -17.50
C ARG A 48 1.36 -15.28 -16.87
N GLU A 49 0.40 -14.90 -17.72
CA GLU A 49 -0.82 -14.29 -17.21
C GLU A 49 -1.60 -15.30 -16.38
N VAL A 50 -2.09 -14.85 -15.22
CA VAL A 50 -2.96 -15.66 -14.38
C VAL A 50 -4.12 -14.80 -13.91
N THR A 51 -5.22 -15.47 -13.58
CA THR A 51 -6.41 -14.86 -13.01
C THR A 51 -6.63 -15.45 -11.63
N PHE A 52 -6.68 -14.59 -10.63
CA PHE A 52 -6.74 -15.05 -9.24
C PHE A 52 -7.30 -13.93 -8.37
N VAL A 53 -7.68 -14.30 -7.15
CA VAL A 53 -8.15 -13.34 -6.16
C VAL A 53 -7.02 -13.07 -5.19
N PRO A 54 -6.50 -11.83 -5.11
CA PRO A 54 -5.39 -11.56 -4.19
C PRO A 54 -5.63 -11.96 -2.75
N GLY A 55 -6.85 -11.75 -2.23
CA GLY A 55 -7.11 -12.03 -0.83
C GLY A 55 -6.94 -13.50 -0.46
N LEU A 56 -7.33 -14.39 -1.36
CA LEU A 56 -7.16 -15.83 -1.12
C LEU A 56 -5.68 -16.19 -1.05
N TYR A 57 -4.92 -15.78 -2.07
CA TYR A 57 -3.47 -15.90 -2.05
C TYR A 57 -2.88 -15.37 -0.75
N LYS A 58 -3.41 -14.25 -0.25
CA LYS A 58 -2.82 -13.61 0.91
C LYS A 58 -3.13 -14.36 2.20
N ILE A 59 -4.34 -14.91 2.33
CA ILE A 59 -4.60 -15.67 3.54
C ILE A 59 -3.75 -16.93 3.58
N PHE A 60 -3.49 -17.53 2.40
CA PHE A 60 -2.50 -18.61 2.36
C PHE A 60 -1.12 -18.11 2.82
N ASP A 61 -0.70 -16.97 2.26
CA ASP A 61 0.63 -16.42 2.54
C ASP A 61 0.82 -16.11 4.01
N GLU A 62 -0.23 -15.68 4.70
CA GLU A 62 -0.10 -15.33 6.11
C GLU A 62 0.34 -16.53 6.94
N ILE A 63 -0.34 -17.67 6.77
CA ILE A 63 0.02 -18.86 7.52
C ILE A 63 1.40 -19.38 7.12
N LEU A 64 1.70 -19.34 5.82
CA LEU A 64 3.03 -19.79 5.38
C LEU A 64 4.13 -18.95 6.03
N VAL A 65 3.94 -17.63 6.09
CA VAL A 65 4.95 -16.75 6.66
C VAL A 65 5.06 -16.95 8.16
N ASN A 66 3.94 -17.19 8.85
CA ASN A 66 4.02 -17.50 10.27
C ASN A 66 4.87 -18.75 10.51
N ALA A 67 4.64 -19.79 9.71
CA ALA A 67 5.46 -21.00 9.81
C ALA A 67 6.94 -20.66 9.64
N ALA A 68 7.26 -19.85 8.63
CA ALA A 68 8.66 -19.46 8.43
C ALA A 68 9.20 -18.66 9.64
N ASP A 69 8.36 -17.80 10.22
CA ASP A 69 8.78 -17.00 11.38
C ASP A 69 9.19 -17.88 12.54
N ASN A 70 8.53 -19.03 12.70
CA ASN A 70 8.91 -19.91 13.81
C ASN A 70 10.36 -20.35 13.73
N LYS A 71 10.97 -20.35 12.53
CA LYS A 71 12.39 -20.66 12.42
C LYS A 71 13.25 -19.60 13.12
N GLN A 72 12.87 -18.32 12.98
CA GLN A 72 13.54 -17.28 13.74
C GLN A 72 13.26 -17.43 15.23
N ARG A 73 12.04 -17.82 15.58
CA ARG A 73 11.72 -18.06 16.99
C ARG A 73 12.54 -19.22 17.54
N ASP A 74 12.66 -20.31 16.78
CA ASP A 74 13.39 -21.49 17.24
C ASP A 74 14.31 -22.02 16.14
N PRO A 75 15.63 -21.82 16.27
CA PRO A 75 16.55 -22.35 15.25
C PRO A 75 16.52 -23.87 15.12
N LYS A 76 16.06 -24.58 16.15
CA LYS A 76 15.99 -26.04 16.06
C LYS A 76 14.93 -26.52 15.07
N MET A 77 13.99 -25.65 14.69
CA MET A 77 13.01 -26.00 13.67
C MET A 77 13.71 -26.37 12.37
N SER A 78 13.16 -27.36 11.67
CA SER A 78 13.79 -27.85 10.46
C SER A 78 12.86 -28.10 9.29
N CYS A 79 11.54 -28.08 9.45
CA CYS A 79 10.66 -28.50 8.38
C CYS A 79 9.35 -27.72 8.37
N ILE A 80 8.93 -27.35 7.15
CA ILE A 80 7.58 -26.86 6.84
C ILE A 80 6.98 -27.80 5.80
N ARG A 81 5.74 -28.23 6.04
CA ARG A 81 5.03 -29.15 5.15
C ARG A 81 3.71 -28.51 4.74
N VAL A 82 3.51 -28.37 3.42
CA VAL A 82 2.33 -27.73 2.87
C VAL A 82 1.53 -28.77 2.10
N THR A 83 0.23 -28.83 2.39
CA THR A 83 -0.72 -29.67 1.68
C THR A 83 -1.79 -28.79 1.06
N ILE A 84 -2.04 -28.99 -0.23
CA ILE A 84 -3.11 -28.32 -0.95
C ILE A 84 -3.99 -29.39 -1.59
N ASP A 85 -5.25 -29.45 -1.17
CA ASP A 85 -6.24 -30.42 -1.65
C ASP A 85 -7.38 -29.62 -2.26
N PRO A 86 -7.31 -29.31 -3.55
CA PRO A 86 -8.38 -28.49 -4.17
C PRO A 86 -9.72 -29.18 -4.21
N GLU A 87 -9.76 -30.52 -4.36
CA GLU A 87 -11.04 -31.20 -4.46
C GLU A 87 -11.83 -31.11 -3.15
N ASN A 88 -11.14 -31.15 -2.03
CA ASN A 88 -11.77 -31.03 -0.72
C ASN A 88 -11.61 -29.64 -0.11
N ASN A 89 -11.05 -28.70 -0.87
CA ASN A 89 -10.88 -27.32 -0.43
C ASN A 89 -10.14 -27.24 0.91
N LEU A 90 -9.01 -27.94 0.98
CA LEU A 90 -8.26 -28.09 2.22
C LEU A 90 -6.84 -27.59 2.02
N ILE A 91 -6.37 -26.72 2.92
CA ILE A 91 -4.98 -26.29 2.92
C ILE A 91 -4.43 -26.50 4.32
N SER A 92 -3.26 -27.12 4.40
CA SER A 92 -2.66 -27.43 5.69
C SER A 92 -1.20 -27.01 5.66
N ILE A 93 -0.76 -26.31 6.71
CA ILE A 93 0.62 -25.86 6.83
C ILE A 93 1.13 -26.29 8.20
N TRP A 94 2.14 -27.17 8.21
CA TRP A 94 2.70 -27.75 9.41
C TRP A 94 4.16 -27.32 9.51
N ASN A 95 4.63 -27.12 10.74
CA ASN A 95 6.03 -26.79 10.94
C ASN A 95 6.50 -27.41 12.24
N ASN A 96 7.79 -27.74 12.29
CA ASN A 96 8.36 -28.22 13.53
C ASN A 96 9.04 -27.07 14.28
N GLY A 97 9.82 -27.41 15.30
CA GLY A 97 10.32 -26.41 16.22
C GLY A 97 9.38 -26.22 17.38
N LYS A 98 9.68 -25.21 18.20
CA LYS A 98 8.92 -24.99 19.41
C LYS A 98 7.47 -24.64 19.09
N GLY A 99 6.55 -25.38 19.69
CA GLY A 99 5.14 -25.08 19.55
C GLY A 99 4.76 -23.90 20.43
N ILE A 100 3.48 -23.55 20.34
CA ILE A 100 2.92 -22.46 21.13
C ILE A 100 2.69 -22.96 22.55
N PRO A 101 3.01 -22.17 23.58
CA PRO A 101 2.77 -22.63 24.97
C PRO A 101 1.30 -22.94 25.20
N VAL A 102 1.05 -24.18 25.62
CA VAL A 102 -0.32 -24.65 25.89
C VAL A 102 -0.57 -24.39 27.38
N VAL A 103 -1.02 -23.17 27.69
CA VAL A 103 -1.29 -22.76 29.06
C VAL A 103 -2.25 -21.58 28.99
N GLU A 104 -2.92 -21.30 30.10
CA GLU A 104 -3.86 -20.19 30.15
C GLU A 104 -3.11 -18.86 30.27
N HIS A 105 -3.42 -17.94 29.37
CA HIS A 105 -2.88 -16.59 29.43
C HIS A 105 -3.49 -15.89 30.65
N LYS A 106 -2.65 -15.57 31.65
CA LYS A 106 -3.16 -15.08 32.91
C LYS A 106 -3.85 -13.74 32.77
N VAL A 107 -3.50 -12.96 31.76
CA VAL A 107 -4.10 -11.63 31.60
C VAL A 107 -5.42 -11.72 30.86
N GLU A 108 -5.42 -12.37 29.70
CA GLU A 108 -6.63 -12.49 28.89
C GLU A 108 -7.54 -13.63 29.33
N LYS A 109 -7.11 -14.45 30.28
CA LYS A 109 -7.93 -15.51 30.87
C LYS A 109 -8.43 -16.51 29.83
N MET A 110 -7.50 -16.98 29.00
CA MET A 110 -7.78 -18.07 28.06
C MET A 110 -6.46 -18.65 27.61
N TYR A 111 -6.54 -19.80 26.94
CA TYR A 111 -5.33 -20.48 26.49
C TYR A 111 -4.67 -19.71 25.34
N VAL A 112 -3.34 -19.78 25.31
CA VAL A 112 -2.58 -18.91 24.41
C VAL A 112 -2.89 -19.15 22.93
N PRO A 113 -2.89 -20.40 22.42
CA PRO A 113 -3.21 -20.57 21.00
C PRO A 113 -4.57 -20.00 20.61
N ALA A 114 -5.59 -20.26 21.43
CA ALA A 114 -6.90 -19.67 21.18
C ALA A 114 -6.83 -18.16 21.19
N LEU A 115 -6.03 -17.59 22.10
CA LEU A 115 -5.90 -16.14 22.18
C LEU A 115 -5.32 -15.57 20.89
N ILE A 116 -4.23 -16.17 20.38
CA ILE A 116 -3.51 -15.56 19.27
C ILE A 116 -4.03 -16.04 17.91
N PHE A 117 -5.01 -16.95 17.88
CA PHE A 117 -5.65 -17.31 16.62
C PHE A 117 -7.13 -16.95 16.54
N GLY A 118 -7.77 -16.58 17.65
CA GLY A 118 -9.18 -16.26 17.61
C GLY A 118 -9.52 -14.85 18.09
N GLN A 119 -8.49 -14.07 18.44
CA GLN A 119 -8.67 -12.71 18.90
C GLN A 119 -7.82 -11.77 18.06
N LEU A 120 -8.45 -10.72 17.53
CA LEU A 120 -7.73 -9.75 16.73
C LEU A 120 -6.73 -8.98 17.58
N LEU A 121 -5.70 -8.45 16.90
CA LEU A 121 -4.69 -7.60 17.52
C LEU A 121 -3.95 -8.34 18.64
N THR A 122 -3.48 -9.55 18.34
CA THR A 122 -2.74 -10.37 19.28
C THR A 122 -1.46 -10.83 18.62
N SER A 123 -0.32 -10.64 19.29
CA SER A 123 0.97 -10.88 18.66
C SER A 123 2.05 -11.02 19.73
N SER A 124 3.14 -11.66 19.33
CA SER A 124 4.38 -11.68 20.10
C SER A 124 5.38 -10.64 19.58
N ASN A 125 4.96 -9.82 18.62
CA ASN A 125 5.85 -8.87 17.95
C ASN A 125 5.50 -7.42 18.26
N TYR A 126 4.88 -7.16 19.41
CA TYR A 126 4.48 -5.81 19.78
C TYR A 126 5.55 -5.07 20.59
N ASP A 127 6.62 -5.75 21.00
CA ASP A 127 7.69 -5.14 21.79
C ASP A 127 8.87 -4.87 20.85
N ASP A 128 8.90 -3.67 20.27
CA ASP A 128 9.95 -3.32 19.31
C ASP A 128 11.28 -3.00 19.98
N ASP A 129 11.39 -3.13 21.31
CA ASP A 129 12.72 -3.18 21.91
C ASP A 129 13.44 -4.46 21.52
N GLU A 130 12.69 -5.53 21.27
CA GLU A 130 13.23 -6.74 20.68
C GLU A 130 13.37 -6.54 19.17
N LYS A 131 14.61 -6.59 18.68
CA LYS A 131 14.89 -6.34 17.27
C LYS A 131 14.80 -7.68 16.52
N LYS A 132 13.61 -8.02 16.04
CA LYS A 132 13.35 -9.30 15.44
C LYS A 132 13.34 -9.22 13.92
N VAL A 133 13.71 -10.33 13.28
CA VAL A 133 13.70 -10.44 11.82
C VAL A 133 12.59 -11.38 11.38
N THR A 134 11.54 -11.48 12.19
CA THR A 134 10.34 -12.19 11.75
C THR A 134 9.53 -11.30 10.82
N GLY A 135 8.63 -11.94 10.07
CA GLY A 135 7.71 -11.20 9.24
C GLY A 135 6.50 -10.68 9.98
N GLY A 136 6.17 -11.27 11.13
CA GLY A 136 5.00 -10.84 11.88
C GLY A 136 5.25 -9.49 12.53
N ARG A 137 4.27 -8.60 12.42
CA ARG A 137 4.42 -7.24 12.95
C ARG A 137 3.15 -6.75 13.63
N ASN A 138 1.98 -7.08 13.08
CA ASN A 138 0.74 -6.39 13.44
C ASN A 138 -0.23 -7.21 14.28
N GLY A 139 -0.12 -8.53 14.29
CA GLY A 139 -1.07 -9.34 15.03
C GLY A 139 -2.40 -9.54 14.35
N TYR A 140 -2.41 -9.60 13.01
CA TYR A 140 -3.62 -9.79 12.22
C TYR A 140 -3.64 -11.10 11.43
N GLY A 141 -2.50 -11.50 10.86
CA GLY A 141 -2.51 -12.42 9.73
C GLY A 141 -3.27 -13.71 9.96
N ALA A 142 -2.97 -14.38 11.07
CA ALA A 142 -3.61 -15.67 11.34
C ALA A 142 -5.11 -15.51 11.52
N LYS A 143 -5.53 -14.48 12.26
CA LYS A 143 -6.96 -14.22 12.42
C LYS A 143 -7.60 -13.81 11.10
N LEU A 144 -6.85 -13.18 10.20
CA LEU A 144 -7.39 -12.86 8.89
C LEU A 144 -7.65 -14.13 8.07
N CYS A 145 -6.72 -15.09 8.11
CA CYS A 145 -6.99 -16.37 7.46
C CYS A 145 -8.17 -17.07 8.11
N ASN A 146 -8.27 -17.00 9.44
CA ASN A 146 -9.40 -17.59 10.14
C ASN A 146 -10.72 -16.98 9.68
N ILE A 147 -10.76 -15.65 9.60
CA ILE A 147 -11.99 -14.93 9.27
C ILE A 147 -12.46 -15.25 7.85
N PHE A 148 -11.52 -15.50 6.95
CA PHE A 148 -11.87 -15.81 5.56
C PHE A 148 -11.82 -17.31 5.27
N SER A 149 -12.06 -18.14 6.30
CA SER A 149 -12.17 -19.58 6.16
C SER A 149 -13.51 -20.04 6.71
N THR A 150 -14.09 -21.06 6.08
CA THR A 150 -15.28 -21.69 6.66
C THR A 150 -14.91 -22.61 7.82
N LYS A 151 -13.69 -23.15 7.83
CA LYS A 151 -13.22 -23.99 8.92
C LYS A 151 -11.72 -23.72 9.08
N PHE A 152 -11.30 -23.55 10.34
CA PHE A 152 -9.92 -23.12 10.63
C PHE A 152 -9.50 -23.81 11.92
N THR A 153 -8.62 -24.80 11.82
CA THR A 153 -8.21 -25.62 12.94
C THR A 153 -6.75 -25.33 13.28
N VAL A 154 -6.50 -25.08 14.56
CA VAL A 154 -5.16 -24.85 15.09
C VAL A 154 -4.80 -26.04 15.96
N GLU A 155 -3.64 -26.66 15.69
CA GLU A 155 -3.10 -27.72 16.52
C GLU A 155 -1.66 -27.34 16.85
N THR A 156 -1.30 -27.42 18.12
CA THR A 156 0.06 -27.05 18.51
C THR A 156 0.43 -27.81 19.77
N ALA A 157 1.66 -28.33 19.80
CA ALA A 157 2.13 -29.15 20.90
C ALA A 157 3.31 -28.48 21.57
N SER A 158 3.27 -28.38 22.90
CA SER A 158 4.37 -27.83 23.68
C SER A 158 4.83 -28.88 24.67
N ARG A 159 6.03 -29.41 24.47
CA ARG A 159 6.60 -30.36 25.42
C ARG A 159 6.97 -29.68 26.72
N GLU A 160 7.37 -28.41 26.67
CA GLU A 160 7.68 -27.67 27.89
C GLU A 160 6.48 -27.62 28.83
N TYR A 161 5.30 -27.33 28.29
CA TYR A 161 4.07 -27.38 29.06
C TYR A 161 3.42 -28.76 29.04
N LYS A 162 4.06 -29.74 28.40
CA LYS A 162 3.65 -31.14 28.42
C LYS A 162 2.23 -31.32 27.91
N LYS A 163 1.80 -30.50 26.95
CA LYS A 163 0.42 -30.53 26.51
C LYS A 163 0.34 -30.35 24.99
N MET A 164 -0.84 -30.67 24.46
CA MET A 164 -1.14 -30.50 23.05
C MET A 164 -2.54 -29.90 22.94
N PHE A 165 -2.64 -28.82 22.17
CA PHE A 165 -3.85 -28.03 22.00
C PHE A 165 -4.39 -28.25 20.60
N LYS A 166 -5.71 -28.39 20.49
CA LYS A 166 -6.37 -28.44 19.19
C LYS A 166 -7.75 -27.79 19.29
N GLN A 167 -8.05 -26.88 18.37
CA GLN A 167 -9.37 -26.26 18.38
C GLN A 167 -9.71 -25.75 16.99
N THR A 168 -11.00 -25.81 16.64
CA THR A 168 -11.49 -25.44 15.33
C THR A 168 -12.48 -24.30 15.45
N TRP A 169 -12.28 -23.25 14.65
CA TRP A 169 -13.23 -22.19 14.42
C TRP A 169 -13.97 -22.45 13.11
N MET A 170 -15.20 -21.95 13.03
CA MET A 170 -16.01 -22.09 11.84
C MET A 170 -16.72 -20.79 11.54
N ASP A 171 -17.27 -20.70 10.32
CA ASP A 171 -18.17 -19.62 9.91
C ASP A 171 -17.51 -18.25 10.08
N ASN A 172 -16.35 -18.11 9.44
CA ASN A 172 -15.64 -16.82 9.38
C ASN A 172 -15.27 -16.35 10.80
N MET A 173 -14.68 -17.25 11.58
CA MET A 173 -14.35 -17.00 12.98
C MET A 173 -15.56 -16.55 13.78
N GLY A 174 -16.75 -16.95 13.32
CA GLY A 174 -17.97 -16.61 14.04
C GLY A 174 -18.21 -17.46 15.26
N ARG A 175 -17.70 -18.69 15.26
CA ARG A 175 -17.88 -19.60 16.37
C ARG A 175 -16.68 -20.54 16.46
N ALA A 176 -16.55 -21.22 17.59
CA ALA A 176 -15.46 -22.14 17.83
C ALA A 176 -15.99 -23.45 18.39
N GLY A 177 -15.34 -24.55 17.99
CA GLY A 177 -15.68 -25.86 18.49
C GLY A 177 -15.10 -26.11 19.87
N GLU A 178 -15.08 -27.38 20.25
CA GLU A 178 -14.58 -27.77 21.56
C GLU A 178 -13.06 -27.84 21.56
N MET A 179 -12.45 -27.32 22.63
CA MET A 179 -11.01 -27.35 22.77
C MET A 179 -10.55 -28.71 23.27
N GLU A 180 -9.53 -29.28 22.61
CA GLU A 180 -8.95 -30.55 22.98
C GLU A 180 -7.57 -30.30 23.58
N LEU A 181 -7.37 -30.74 24.82
CA LEU A 181 -6.09 -30.69 25.49
C LEU A 181 -5.66 -32.11 25.84
N LYS A 182 -4.53 -32.54 25.28
CA LYS A 182 -4.07 -33.90 25.50
C LYS A 182 -2.65 -33.90 26.05
N PRO A 183 -2.30 -34.89 26.87
CA PRO A 183 -0.92 -35.00 27.34
C PRO A 183 0.04 -35.18 26.17
N PHE A 184 1.18 -34.50 26.23
CA PHE A 184 2.14 -34.51 25.15
C PHE A 184 3.56 -34.48 25.71
N ASN A 185 4.42 -35.34 25.16
CA ASN A 185 5.83 -35.38 25.56
C ASN A 185 6.70 -35.75 24.38
N GLY A 186 6.35 -35.26 23.19
CA GLY A 186 7.10 -35.51 21.98
C GLY A 186 7.75 -34.26 21.44
N GLU A 187 8.11 -34.32 20.15
CA GLU A 187 8.70 -33.17 19.48
C GLU A 187 7.62 -32.14 19.16
N ASP A 188 7.87 -30.88 19.55
CA ASP A 188 6.87 -29.84 19.37
C ASP A 188 6.60 -29.60 17.89
N TYR A 189 5.39 -29.13 17.60
CA TYR A 189 4.97 -28.83 16.24
C TYR A 189 3.78 -27.89 16.27
N THR A 190 3.50 -27.30 15.12
CA THR A 190 2.28 -26.52 14.94
C THR A 190 1.73 -26.76 13.54
N CYS A 191 0.44 -27.10 13.46
CA CYS A 191 -0.24 -27.37 12.21
C CYS A 191 -1.51 -26.54 12.14
N ILE A 192 -1.65 -25.77 11.06
CA ILE A 192 -2.84 -24.96 10.79
C ILE A 192 -3.53 -25.55 9.57
N THR A 193 -4.80 -25.92 9.71
CA THR A 193 -5.56 -26.53 8.63
C THR A 193 -6.83 -25.74 8.40
N PHE A 194 -6.99 -25.17 7.21
CA PHE A 194 -8.15 -24.32 6.94
C PHE A 194 -8.74 -24.64 5.58
N GLN A 195 -10.05 -24.42 5.49
CA GLN A 195 -10.79 -24.44 4.24
C GLN A 195 -11.19 -23.02 3.90
N PRO A 196 -10.60 -22.40 2.88
CA PRO A 196 -10.91 -21.00 2.60
C PRO A 196 -12.36 -20.83 2.18
N ASP A 197 -12.97 -19.75 2.66
CA ASP A 197 -14.36 -19.42 2.33
C ASP A 197 -14.38 -18.85 0.91
N LEU A 198 -14.47 -19.74 -0.07
CA LEU A 198 -14.38 -19.33 -1.46
C LEU A 198 -15.55 -18.45 -1.91
N SER A 199 -16.68 -18.50 -1.21
CA SER A 199 -17.77 -17.58 -1.52
C SER A 199 -17.35 -16.12 -1.31
N LYS A 200 -16.51 -15.87 -0.30
CA LYS A 200 -16.02 -14.51 -0.08
C LYS A 200 -15.17 -14.02 -1.25
N PHE A 201 -14.62 -14.93 -2.06
CA PHE A 201 -13.76 -14.57 -3.17
C PHE A 201 -14.41 -14.83 -4.52
N LYS A 202 -15.72 -15.11 -4.54
CA LYS A 202 -16.46 -15.39 -5.78
C LYS A 202 -15.78 -16.50 -6.58
N MET A 203 -15.33 -17.53 -5.89
CA MET A 203 -14.69 -18.68 -6.51
C MET A 203 -15.43 -19.95 -6.16
N GLN A 204 -15.24 -20.96 -6.99
CA GLN A 204 -15.87 -22.26 -6.79
C GLN A 204 -14.90 -23.32 -6.26
N SER A 205 -13.62 -23.21 -6.59
CA SER A 205 -12.62 -24.16 -6.12
C SER A 205 -11.24 -23.54 -6.29
N LEU A 206 -10.25 -24.21 -5.69
CA LEU A 206 -8.86 -23.83 -5.89
C LEU A 206 -8.39 -24.27 -7.27
N ASP A 207 -8.52 -23.40 -8.25
CA ASP A 207 -8.28 -23.78 -9.64
C ASP A 207 -6.78 -23.75 -9.95
N LYS A 208 -6.44 -23.94 -11.22
CA LYS A 208 -5.05 -24.13 -11.62
C LYS A 208 -4.17 -22.94 -11.23
N ASP A 209 -4.66 -21.72 -11.47
CA ASP A 209 -3.81 -20.54 -11.30
C ASP A 209 -3.48 -20.31 -9.82
N ILE A 210 -4.47 -20.39 -8.94
CA ILE A 210 -4.20 -20.14 -7.53
C ILE A 210 -3.33 -21.24 -6.95
N VAL A 211 -3.50 -22.48 -7.40
CA VAL A 211 -2.63 -23.55 -6.94
C VAL A 211 -1.20 -23.33 -7.40
N ALA A 212 -1.03 -22.89 -8.65
CA ALA A 212 0.32 -22.63 -9.16
C ALA A 212 0.97 -21.48 -8.39
N LEU A 213 0.19 -20.45 -8.06
CA LEU A 213 0.71 -19.35 -7.26
C LEU A 213 1.13 -19.82 -5.87
N MET A 214 0.30 -20.64 -5.22
CA MET A 214 0.64 -21.15 -3.90
C MET A 214 1.88 -22.04 -3.93
N VAL A 215 2.02 -22.84 -4.99
CA VAL A 215 3.19 -23.71 -5.10
C VAL A 215 4.45 -22.87 -5.33
N ARG A 216 4.36 -21.85 -6.18
CA ARG A 216 5.51 -20.96 -6.35
C ARG A 216 5.84 -20.24 -5.06
N ARG A 217 4.84 -19.95 -4.23
CA ARG A 217 5.12 -19.33 -2.94
C ARG A 217 5.84 -20.30 -2.00
N ALA A 218 5.46 -21.58 -2.05
CA ALA A 218 6.21 -22.59 -1.30
C ALA A 218 7.67 -22.65 -1.76
N TYR A 219 7.88 -22.55 -3.08
CA TYR A 219 9.25 -22.48 -3.59
C TYR A 219 9.96 -21.22 -3.11
N ASP A 220 9.24 -20.10 -3.04
CA ASP A 220 9.79 -18.87 -2.45
C ASP A 220 10.32 -19.15 -1.06
N ILE A 221 9.50 -19.79 -0.23
CA ILE A 221 9.91 -20.05 1.15
C ILE A 221 11.13 -20.96 1.18
N ALA A 222 11.14 -22.00 0.35
CA ALA A 222 12.30 -22.89 0.28
C ALA A 222 13.56 -22.13 -0.14
N GLY A 223 13.40 -21.08 -0.94
CA GLY A 223 14.55 -20.33 -1.41
C GLY A 223 15.02 -19.21 -0.48
N SER A 224 14.10 -18.65 0.31
CA SER A 224 14.43 -17.48 1.11
C SER A 224 14.83 -17.82 2.54
N THR A 225 14.46 -19.00 3.03
CA THR A 225 14.82 -19.41 4.37
C THR A 225 16.16 -20.14 4.38
N LYS A 226 16.71 -20.29 5.57
CA LYS A 226 17.94 -21.04 5.77
C LYS A 226 17.67 -22.23 6.67
N ASP A 227 18.24 -23.39 6.30
CA ASP A 227 18.16 -24.61 7.10
C ASP A 227 16.70 -24.99 7.39
N VAL A 228 15.86 -24.95 6.37
CA VAL A 228 14.47 -25.37 6.48
C VAL A 228 14.11 -26.17 5.23
N LYS A 229 13.73 -27.43 5.44
CA LYS A 229 13.17 -28.23 4.36
C LYS A 229 11.71 -27.85 4.14
N VAL A 230 11.29 -27.83 2.87
CA VAL A 230 9.94 -27.45 2.51
C VAL A 230 9.33 -28.57 1.68
N PHE A 231 8.27 -29.18 2.21
CA PHE A 231 7.53 -30.23 1.52
C PHE A 231 6.27 -29.63 0.90
N LEU A 232 5.92 -30.09 -0.30
CA LEU A 232 4.67 -29.74 -0.96
C LEU A 232 3.93 -31.03 -1.28
N ASN A 233 2.82 -31.28 -0.58
CA ASN A 233 2.05 -32.51 -0.73
C ASN A 233 2.92 -33.75 -0.49
N GLY A 234 3.82 -33.65 0.49
CA GLY A 234 4.70 -34.75 0.83
C GLY A 234 5.95 -34.88 -0.01
N ASN A 235 6.08 -34.10 -1.07
CA ASN A 235 7.26 -34.13 -1.94
C ASN A 235 8.22 -33.02 -1.56
N LYS A 236 9.50 -33.35 -1.54
CA LYS A 236 10.53 -32.38 -1.20
C LYS A 236 10.77 -31.41 -2.36
N LEU A 237 10.88 -30.12 -2.01
CA LEU A 237 11.18 -29.11 -3.02
C LEU A 237 12.69 -29.01 -3.20
N PRO A 238 13.21 -29.28 -4.40
CA PRO A 238 14.68 -29.29 -4.61
C PRO A 238 15.26 -27.88 -4.73
N VAL A 239 15.26 -27.15 -3.62
CA VAL A 239 15.80 -25.80 -3.56
C VAL A 239 16.91 -25.77 -2.52
N LYS A 240 18.10 -25.36 -2.93
CA LYS A 240 19.27 -25.32 -2.05
C LYS A 240 19.82 -23.89 -2.05
N GLY A 241 19.05 -22.97 -1.49
CA GLY A 241 19.53 -21.62 -1.30
C GLY A 241 18.94 -20.64 -2.31
N PHE A 242 19.12 -19.36 -1.99
CA PHE A 242 18.58 -18.29 -2.82
C PHE A 242 19.15 -18.30 -4.22
N ARG A 243 20.42 -18.71 -4.37
CA ARG A 243 21.02 -18.73 -5.70
C ARG A 243 20.36 -19.78 -6.59
N SER A 244 20.12 -20.97 -6.07
CA SER A 244 19.41 -21.99 -6.86
C SER A 244 17.97 -21.57 -7.13
N TYR A 245 17.33 -20.91 -6.16
CA TYR A 245 16.00 -20.38 -6.41
C TYR A 245 16.00 -19.40 -7.58
N VAL A 246 17.00 -18.51 -7.63
CA VAL A 246 17.09 -17.54 -8.73
C VAL A 246 17.40 -18.25 -10.04
N ASP A 247 18.26 -19.28 -9.99
CA ASP A 247 18.52 -20.08 -11.18
C ASP A 247 17.24 -20.69 -11.74
N MET A 248 16.29 -21.02 -10.86
CA MET A 248 14.99 -21.49 -11.35
C MET A 248 14.32 -20.44 -12.23
N TYR A 249 14.63 -19.16 -12.05
CA TYR A 249 14.08 -18.09 -12.89
C TYR A 249 14.92 -17.83 -14.13
N LEU A 250 16.25 -17.92 -14.01
CA LEU A 250 17.14 -17.47 -15.06
C LEU A 250 17.73 -18.60 -15.89
N LYS A 251 17.25 -19.83 -15.73
CA LYS A 251 17.82 -20.95 -16.46
C LYS A 251 17.39 -20.91 -17.92
N ASP A 252 18.37 -21.05 -18.82
CA ASP A 252 18.15 -21.08 -20.26
C ASP A 252 17.47 -19.83 -20.80
N LYS A 253 17.47 -18.75 -20.01
CA LYS A 253 16.92 -17.48 -20.47
C LYS A 253 17.90 -16.80 -21.42
N LEU A 254 17.37 -16.28 -22.52
CA LEU A 254 18.18 -15.57 -23.51
C LEU A 254 17.63 -14.17 -23.72
N ASP A 255 18.53 -13.24 -23.99
CA ASP A 255 18.11 -11.89 -24.35
C ASP A 255 17.64 -11.89 -25.81
N GLU A 256 17.10 -10.74 -26.23
CA GLU A 256 16.49 -10.67 -27.56
C GLU A 256 17.49 -10.77 -28.70
N THR A 257 18.80 -10.73 -28.41
CA THR A 257 19.81 -10.89 -29.45
C THR A 257 20.27 -12.33 -29.61
N GLY A 258 19.98 -13.20 -28.64
CA GLY A 258 20.34 -14.60 -28.72
C GLY A 258 21.43 -15.04 -27.77
N ASN A 259 21.89 -14.16 -26.88
CA ASN A 259 22.95 -14.48 -25.93
C ASN A 259 22.35 -14.79 -24.56
N SER A 260 23.05 -15.62 -23.80
CA SER A 260 22.61 -15.93 -22.45
C SER A 260 22.78 -14.73 -21.53
N LEU A 261 21.99 -14.69 -20.46
CA LEU A 261 22.01 -13.57 -19.55
C LEU A 261 23.16 -13.70 -18.56
N LYS A 262 23.89 -12.61 -18.35
CA LYS A 262 24.93 -12.56 -17.33
C LYS A 262 24.29 -12.44 -15.96
N VAL A 263 24.70 -13.32 -15.03
CA VAL A 263 24.15 -13.36 -13.68
C VAL A 263 25.27 -13.02 -12.71
N ILE A 264 25.09 -11.94 -11.96
CA ILE A 264 26.05 -11.48 -10.96
C ILE A 264 25.46 -11.72 -9.59
N HIS A 265 26.09 -12.59 -8.81
CA HIS A 265 25.57 -12.99 -7.51
C HIS A 265 26.56 -12.66 -6.41
N GLU A 266 26.04 -12.27 -5.25
CA GLU A 266 26.85 -12.13 -4.04
C GLU A 266 25.97 -12.29 -2.82
N GLN A 267 26.39 -13.17 -1.91
CA GLN A 267 25.80 -13.23 -0.57
C GLN A 267 26.63 -12.29 0.30
N VAL A 268 26.12 -11.08 0.51
CA VAL A 268 26.89 -10.04 1.19
C VAL A 268 27.16 -10.45 2.64
N ASN A 269 26.13 -10.95 3.32
CA ASN A 269 26.28 -11.45 4.68
C ASN A 269 25.12 -12.40 4.97
N HIS A 270 24.98 -12.77 6.24
CA HIS A 270 23.92 -13.70 6.64
C HIS A 270 22.53 -13.10 6.56
N ARG A 271 22.41 -11.80 6.31
CA ARG A 271 21.10 -11.15 6.21
C ARG A 271 20.81 -10.59 4.83
N TRP A 272 21.75 -10.65 3.89
CA TRP A 272 21.56 -10.07 2.57
C TRP A 272 22.16 -10.98 1.51
N GLU A 273 21.37 -11.29 0.49
CA GLU A 273 21.85 -12.00 -0.69
C GLU A 273 21.25 -11.36 -1.93
N VAL A 274 22.10 -11.07 -2.93
CA VAL A 274 21.69 -10.28 -4.08
C VAL A 274 22.11 -11.00 -5.36
N CYS A 275 21.25 -10.93 -6.38
CA CYS A 275 21.56 -11.34 -7.74
C CYS A 275 21.15 -10.22 -8.69
N LEU A 276 21.82 -10.15 -9.84
CA LEU A 276 21.58 -9.10 -10.81
C LEU A 276 21.75 -9.66 -12.22
N THR A 277 20.84 -9.27 -13.12
CA THR A 277 20.92 -9.67 -14.52
C THR A 277 20.28 -8.59 -15.37
N MET A 278 20.26 -8.80 -16.69
CA MET A 278 19.64 -7.83 -17.57
C MET A 278 18.13 -8.03 -17.62
N SER A 279 17.44 -6.97 -18.02
CA SER A 279 15.99 -6.96 -18.10
C SER A 279 15.55 -6.38 -19.44
N GLU A 280 14.67 -7.09 -20.13
CA GLU A 280 14.12 -6.65 -21.40
C GLU A 280 12.73 -6.03 -21.25
N LYS A 281 12.24 -5.88 -20.02
CA LYS A 281 10.89 -5.39 -19.77
C LYS A 281 10.89 -4.12 -18.91
N GLY A 282 12.00 -3.41 -18.85
CA GLY A 282 12.15 -2.36 -17.87
C GLY A 282 12.67 -2.91 -16.56
N PHE A 283 12.70 -2.04 -15.55
CA PHE A 283 13.23 -2.44 -14.25
C PHE A 283 12.35 -3.52 -13.62
N GLN A 284 12.97 -4.66 -13.32
CA GLN A 284 12.30 -5.76 -12.65
C GLN A 284 12.99 -6.03 -11.31
N GLN A 285 12.20 -6.42 -10.32
CA GLN A 285 12.74 -6.80 -9.02
C GLN A 285 11.92 -7.95 -8.46
N ILE A 286 12.60 -8.88 -7.81
CA ILE A 286 11.97 -9.95 -7.04
C ILE A 286 12.68 -9.99 -5.69
N SER A 287 11.98 -9.60 -4.64
CA SER A 287 12.61 -9.38 -3.34
C SER A 287 11.79 -10.02 -2.24
N PHE A 288 12.48 -10.31 -1.13
CA PHE A 288 11.86 -10.86 0.05
C PHE A 288 12.41 -10.16 1.28
N VAL A 289 11.53 -9.86 2.23
CA VAL A 289 11.92 -9.34 3.54
C VAL A 289 11.37 -10.29 4.58
N ASN A 290 12.27 -10.94 5.31
CA ASN A 290 11.89 -11.92 6.33
C ASN A 290 10.90 -12.94 5.74
N SER A 291 11.19 -13.38 4.53
CA SER A 291 10.44 -14.37 3.76
C SER A 291 9.09 -13.85 3.24
N ILE A 292 8.80 -12.56 3.39
CA ILE A 292 7.62 -11.94 2.80
C ILE A 292 7.96 -11.49 1.39
N ALA A 293 7.14 -11.87 0.42
CA ALA A 293 7.35 -11.44 -0.96
C ALA A 293 6.90 -9.98 -1.07
N THR A 294 7.87 -9.07 -1.13
CA THR A 294 7.58 -7.64 -1.24
C THR A 294 7.43 -7.30 -2.72
N SER A 295 6.22 -7.53 -3.23
CA SER A 295 5.97 -7.44 -4.66
C SER A 295 6.00 -6.02 -5.20
N LYS A 296 5.84 -5.02 -4.33
CA LYS A 296 6.00 -3.62 -4.72
C LYS A 296 7.39 -3.09 -4.41
N GLY A 297 8.26 -3.92 -3.86
CA GLY A 297 9.63 -3.50 -3.59
C GLY A 297 9.76 -2.87 -2.23
N GLY A 298 10.42 -1.71 -2.18
CA GLY A 298 10.64 -1.05 -0.91
C GLY A 298 12.07 -0.55 -0.76
N ARG A 299 12.37 0.00 0.42
CA ARG A 299 13.67 0.67 0.59
C ARG A 299 14.82 -0.31 0.67
N HIS A 300 14.56 -1.60 0.89
CA HIS A 300 15.64 -2.59 0.78
C HIS A 300 16.07 -2.75 -0.67
N VAL A 301 15.10 -2.83 -1.59
CA VAL A 301 15.40 -2.92 -3.01
C VAL A 301 16.11 -1.67 -3.48
N ASP A 302 15.62 -0.50 -3.07
CA ASP A 302 16.28 0.75 -3.43
C ASP A 302 17.70 0.79 -2.88
N TYR A 303 17.87 0.39 -1.62
CA TYR A 303 19.17 0.43 -0.98
C TYR A 303 20.17 -0.46 -1.71
N VAL A 304 19.71 -1.60 -2.23
CA VAL A 304 20.63 -2.47 -2.96
C VAL A 304 20.87 -1.94 -4.38
N ALA A 305 19.83 -1.41 -5.03
CA ALA A 305 19.92 -1.08 -6.44
C ALA A 305 20.59 0.26 -6.71
N ASP A 306 20.47 1.22 -5.79
CA ASP A 306 21.01 2.55 -6.04
C ASP A 306 22.53 2.55 -6.08
N GLN A 307 23.18 1.64 -5.34
CA GLN A 307 24.62 1.52 -5.43
C GLN A 307 25.05 1.14 -6.85
N ILE A 308 24.44 0.06 -7.38
CA ILE A 308 24.71 -0.36 -8.74
C ILE A 308 24.43 0.78 -9.71
N VAL A 309 23.31 1.48 -9.51
CA VAL A 309 22.90 2.53 -10.45
C VAL A 309 23.92 3.66 -10.46
N THR A 310 24.33 4.12 -9.27
CA THR A 310 25.28 5.23 -9.20
C THR A 310 26.64 4.83 -9.77
N LYS A 311 27.09 3.61 -9.51
CA LYS A 311 28.39 3.19 -10.04
C LYS A 311 28.35 3.07 -11.56
N LEU A 312 27.29 2.47 -12.11
CA LEU A 312 27.17 2.40 -13.56
C LEU A 312 27.01 3.79 -14.17
N VAL A 313 26.36 4.71 -13.45
CA VAL A 313 26.24 6.08 -13.93
C VAL A 313 27.61 6.74 -14.01
N ASP A 314 28.44 6.55 -12.98
CA ASP A 314 29.80 7.09 -13.04
C ASP A 314 30.57 6.49 -14.21
N VAL A 315 30.45 5.18 -14.43
CA VAL A 315 31.14 4.53 -15.54
C VAL A 315 30.72 5.13 -16.88
N VAL A 316 29.41 5.35 -17.06
CA VAL A 316 28.94 5.91 -18.33
C VAL A 316 29.32 7.39 -18.45
N LYS A 317 29.39 8.10 -17.32
CA LYS A 317 29.79 9.51 -17.35
C LYS A 317 31.26 9.65 -17.71
N LYS A 318 32.07 8.62 -17.43
CA LYS A 318 33.46 8.65 -17.85
C LYS A 318 33.59 8.82 -19.36
N LYS A 319 32.69 8.19 -20.11
CA LYS A 319 32.72 8.28 -21.56
C LYS A 319 31.80 9.40 -22.04
N ASN A 320 32.19 10.03 -23.15
CA ASN A 320 31.45 11.17 -23.67
C ASN A 320 31.29 11.07 -25.19
N VAL A 326 23.60 10.89 -19.18
CA VAL A 326 22.83 9.69 -18.89
C VAL A 326 22.12 9.86 -17.54
N LYS A 327 20.88 9.40 -17.46
CA LYS A 327 20.08 9.51 -16.26
C LYS A 327 19.99 8.16 -15.55
N ALA A 328 19.60 8.21 -14.27
CA ALA A 328 19.62 7.01 -13.44
C ALA A 328 18.56 6.01 -13.88
N HIS A 329 17.36 6.48 -14.24
CA HIS A 329 16.31 5.56 -14.65
C HIS A 329 16.68 4.82 -15.92
N GLN A 330 17.47 5.45 -16.80
CA GLN A 330 17.91 4.78 -18.02
C GLN A 330 18.78 3.57 -17.67
N VAL A 331 19.68 3.71 -16.70
CA VAL A 331 20.48 2.58 -16.25
C VAL A 331 19.60 1.55 -15.55
N LYS A 332 18.66 2.03 -14.74
CA LYS A 332 17.87 1.13 -13.89
C LYS A 332 16.94 0.26 -14.74
N ASN A 333 16.40 0.80 -15.83
CA ASN A 333 15.46 0.05 -16.66
C ASN A 333 16.08 -1.17 -17.33
N HIS A 334 17.39 -1.31 -17.31
CA HIS A 334 18.06 -2.50 -17.84
C HIS A 334 18.33 -3.55 -16.79
N MET A 335 17.92 -3.32 -15.54
CA MET A 335 18.29 -4.18 -14.43
C MET A 335 17.14 -5.09 -14.02
N TRP A 336 17.49 -6.33 -13.67
CA TRP A 336 16.57 -7.28 -13.05
C TRP A 336 17.30 -7.80 -11.81
N ILE A 337 16.81 -7.44 -10.64
CA ILE A 337 17.53 -7.66 -9.39
C ILE A 337 16.72 -8.60 -8.49
N PHE A 338 17.42 -9.49 -7.81
CA PHE A 338 16.86 -10.38 -6.80
C PHE A 338 17.48 -10.04 -5.46
N VAL A 339 16.65 -9.77 -4.45
CA VAL A 339 17.14 -9.41 -3.13
C VAL A 339 16.44 -10.29 -2.10
N ASN A 340 17.23 -10.96 -1.26
CA ASN A 340 16.71 -11.66 -0.10
C ASN A 340 17.34 -11.02 1.14
N ALA A 341 16.50 -10.42 1.98
CA ALA A 341 16.96 -9.60 3.08
C ALA A 341 16.28 -9.99 4.38
N LEU A 342 17.00 -9.83 5.48
CA LEU A 342 16.45 -9.93 6.83
C LEU A 342 16.50 -8.55 7.46
N ILE A 343 15.33 -8.00 7.78
CA ILE A 343 15.18 -6.63 8.25
C ILE A 343 14.64 -6.67 9.67
N GLU A 344 15.24 -5.88 10.57
CA GLU A 344 14.75 -5.80 11.94
C GLU A 344 13.51 -4.91 11.99
N ASN A 345 12.46 -5.42 12.63
CA ASN A 345 11.18 -4.74 12.82
C ASN A 345 10.74 -3.93 11.59
N PRO A 346 10.57 -4.58 10.44
CA PRO A 346 10.22 -3.83 9.22
C PRO A 346 8.84 -3.19 9.33
N THR A 347 8.66 -2.09 8.61
CA THR A 347 7.37 -1.45 8.42
C THR A 347 6.97 -1.56 6.95
N PHE A 348 5.65 -1.50 6.72
CA PHE A 348 5.07 -1.64 5.39
C PHE A 348 3.90 -0.69 5.24
N ASP A 349 3.49 -0.47 3.99
CA ASP A 349 2.34 0.40 3.72
C ASP A 349 1.04 -0.21 4.22
N SER A 350 0.94 -1.53 4.26
CA SER A 350 -0.32 -2.18 4.57
C SER A 350 -0.06 -3.54 5.20
N GLN A 351 -1.16 -4.15 5.68
CA GLN A 351 -1.08 -5.49 6.25
C GLN A 351 -0.54 -6.51 5.25
N THR A 352 -0.78 -6.29 3.95
CA THR A 352 -0.31 -7.24 2.95
C THR A 352 1.20 -7.19 2.73
N LYS A 353 1.87 -6.14 3.20
CA LYS A 353 3.33 -6.11 3.30
C LYS A 353 4.00 -6.29 1.94
N GLU A 354 3.44 -5.65 0.91
CA GLU A 354 4.03 -5.71 -0.41
C GLU A 354 5.11 -4.66 -0.63
N ASN A 355 5.13 -3.61 0.19
CA ASN A 355 6.08 -2.51 0.05
C ASN A 355 6.69 -2.23 1.40
N MET A 356 8.00 -2.44 1.52
CA MET A 356 8.71 -2.30 2.78
C MET A 356 9.27 -0.88 2.90
N THR A 357 8.78 -0.13 3.87
CA THR A 357 9.00 1.32 3.94
C THR A 357 10.07 1.73 4.95
N LEU A 358 10.69 0.79 5.64
CA LEU A 358 11.65 1.15 6.67
C LEU A 358 12.90 1.77 6.05
N GLN A 359 13.39 2.84 6.69
CA GLN A 359 14.58 3.52 6.19
C GLN A 359 15.82 2.64 6.38
N PRO A 360 16.76 2.67 5.43
CA PRO A 360 17.96 1.82 5.57
C PRO A 360 18.70 2.00 6.88
N LYS A 361 18.74 3.22 7.41
CA LYS A 361 19.44 3.47 8.67
C LYS A 361 18.86 2.67 9.83
N SER A 362 17.65 2.14 9.69
CA SER A 362 17.02 1.34 10.73
C SER A 362 16.98 -0.15 10.42
N PHE A 363 17.69 -0.58 9.35
CA PHE A 363 17.61 -1.98 8.93
C PHE A 363 18.14 -2.92 10.00
N GLY A 364 19.08 -2.46 10.83
CA GLY A 364 19.79 -3.33 11.73
C GLY A 364 20.97 -4.05 11.12
N SER A 365 21.18 -3.90 9.81
CA SER A 365 22.34 -4.45 9.12
C SER A 365 22.60 -3.59 7.90
N THR A 366 23.76 -3.80 7.29
CA THR A 366 24.15 -3.07 6.09
C THR A 366 24.36 -4.06 4.95
N CYS A 367 24.47 -3.53 3.73
CA CYS A 367 24.64 -4.35 2.55
C CYS A 367 25.39 -3.53 1.50
N GLN A 368 26.68 -3.30 1.74
CA GLN A 368 27.55 -2.66 0.77
C GLN A 368 28.08 -3.72 -0.18
N LEU A 369 27.77 -3.59 -1.46
CA LEU A 369 28.17 -4.59 -2.44
C LEU A 369 29.67 -4.58 -2.64
N SER A 370 30.24 -5.76 -2.88
CA SER A 370 31.68 -5.90 -3.00
C SER A 370 32.17 -5.26 -4.29
N GLU A 371 33.44 -4.84 -4.28
CA GLU A 371 34.06 -4.31 -5.49
C GLU A 371 34.07 -5.34 -6.60
N LYS A 372 34.17 -6.63 -6.26
CA LYS A 372 34.05 -7.69 -7.25
C LYS A 372 32.67 -7.68 -7.90
N PHE A 373 31.62 -7.55 -7.08
CA PHE A 373 30.27 -7.48 -7.63
C PHE A 373 30.09 -6.25 -8.51
N ILE A 374 30.62 -5.11 -8.08
CA ILE A 374 30.47 -3.88 -8.87
C ILE A 374 31.20 -4.01 -10.19
N LYS A 375 32.41 -4.60 -10.18
CA LYS A 375 33.16 -4.76 -11.42
C LYS A 375 32.48 -5.77 -12.34
N ALA A 376 31.87 -6.82 -11.78
CA ALA A 376 31.10 -7.73 -12.61
C ALA A 376 29.83 -7.08 -13.15
N ALA A 377 29.32 -6.06 -12.45
CA ALA A 377 28.13 -5.35 -12.92
C ALA A 377 28.47 -4.36 -14.03
N ILE A 378 29.60 -3.66 -13.93
CA ILE A 378 29.98 -2.74 -14.99
C ILE A 378 30.29 -3.49 -16.26
N GLY A 379 30.70 -4.76 -16.16
CA GLY A 379 30.93 -5.61 -17.31
C GLY A 379 29.69 -6.19 -17.92
N CYS A 380 28.51 -5.86 -17.41
CA CYS A 380 27.26 -6.35 -17.99
C CYS A 380 26.97 -5.64 -19.30
N GLY A 381 25.97 -6.14 -20.01
CA GLY A 381 25.46 -5.46 -21.18
C GLY A 381 24.72 -4.17 -20.90
N ILE A 382 24.61 -3.79 -19.63
CA ILE A 382 23.92 -2.54 -19.28
C ILE A 382 24.70 -1.34 -19.79
N VAL A 383 25.99 -1.27 -19.46
CA VAL A 383 26.81 -0.15 -19.90
C VAL A 383 26.91 -0.12 -21.43
N GLU A 384 27.01 -1.31 -22.04
CA GLU A 384 27.11 -1.37 -23.50
C GLU A 384 25.81 -0.91 -24.16
N SER A 385 24.66 -1.31 -23.63
CA SER A 385 23.39 -0.86 -24.19
C SER A 385 23.22 0.64 -23.99
N ILE A 386 23.65 1.17 -22.84
CA ILE A 386 23.53 2.60 -22.60
C ILE A 386 24.42 3.38 -23.57
N LEU A 387 25.64 2.89 -23.82
CA LEU A 387 26.53 3.58 -24.75
C LEU A 387 26.14 3.39 -26.21
N ASN A 388 25.41 2.31 -26.52
CA ASN A 388 24.81 2.19 -27.85
C ASN A 388 23.65 3.17 -28.00
N TRP A 389 22.93 3.44 -26.90
CA TRP A 389 21.91 4.48 -26.92
C TRP A 389 22.53 5.86 -27.09
N VAL A 390 23.65 6.11 -26.40
CA VAL A 390 24.31 7.40 -26.51
C VAL A 390 24.88 7.61 -27.90
N LYS A 391 25.30 6.54 -28.57
CA LYS A 391 25.84 6.66 -29.91
C LYS A 391 24.78 7.14 -30.91
N PHE A 392 23.50 6.88 -30.62
CA PHE A 392 22.42 7.30 -31.49
C PHE A 392 22.17 8.80 -31.38
N ALA B 3 11.09 -14.54 30.85
CA ALA B 3 10.24 -14.33 29.67
C ALA B 3 8.90 -15.03 29.84
N SER B 4 7.97 -14.34 30.50
CA SER B 4 6.67 -14.93 30.80
C SER B 4 5.77 -14.93 29.56
N VAL B 5 4.76 -15.79 29.60
CA VAL B 5 3.81 -15.89 28.49
C VAL B 5 3.01 -14.60 28.36
N GLU B 6 2.64 -13.99 29.49
CA GLU B 6 1.81 -12.80 29.46
C GLU B 6 2.57 -11.60 28.91
N ARG B 7 3.90 -11.61 29.02
CA ARG B 7 4.69 -10.54 28.42
C ARG B 7 4.95 -10.80 26.94
N ILE B 8 5.13 -12.07 26.57
CA ILE B 8 5.39 -12.40 25.17
C ILE B 8 4.16 -12.13 24.32
N TYR B 9 3.02 -12.70 24.70
CA TYR B 9 1.79 -12.64 23.92
C TYR B 9 0.88 -11.57 24.50
N GLN B 10 0.66 -10.51 23.73
CA GLN B 10 -0.16 -9.39 24.18
C GLN B 10 -1.28 -9.12 23.19
N LYS B 11 -2.41 -8.65 23.72
CA LYS B 11 -3.52 -8.16 22.93
C LYS B 11 -3.61 -6.64 23.09
N LYS B 12 -3.79 -5.94 21.98
CA LYS B 12 -3.89 -4.50 21.97
C LYS B 12 -5.30 -4.06 21.61
N THR B 13 -5.73 -2.94 22.19
CA THR B 13 -6.95 -2.31 21.75
C THR B 13 -6.73 -1.62 20.40
N GLN B 14 -7.83 -1.22 19.77
CA GLN B 14 -7.74 -0.52 18.49
C GLN B 14 -6.89 0.74 18.62
N LEU B 15 -7.13 1.54 19.65
CA LEU B 15 -6.36 2.75 19.87
C LEU B 15 -4.90 2.45 20.16
N GLU B 16 -4.66 1.47 21.05
CA GLU B 16 -3.30 1.07 21.35
C GLU B 16 -2.57 0.58 20.11
N HIS B 17 -3.27 -0.20 19.27
CA HIS B 17 -2.64 -0.70 18.05
C HIS B 17 -2.35 0.43 17.06
N ILE B 18 -3.25 1.41 16.97
CA ILE B 18 -3.00 2.54 16.07
C ILE B 18 -1.77 3.32 16.52
N LEU B 19 -1.67 3.59 17.83
CA LEU B 19 -0.52 4.34 18.32
C LEU B 19 0.76 3.52 18.24
N LEU B 20 0.68 2.20 18.41
CA LEU B 20 1.85 1.34 18.38
C LEU B 20 2.31 1.05 16.96
N ARG B 21 1.37 0.81 16.05
CA ARG B 21 1.65 0.49 14.65
C ARG B 21 0.97 1.51 13.76
N PRO B 22 1.49 2.75 13.69
CA PRO B 22 0.81 3.79 12.91
C PRO B 22 0.97 3.66 11.40
N ASP B 23 1.90 2.82 10.94
CA ASP B 23 2.32 2.84 9.54
C ASP B 23 1.18 2.50 8.60
N THR B 24 0.40 1.46 8.90
CA THR B 24 -0.68 1.08 7.99
C THR B 24 -1.88 2.01 8.07
N TYR B 25 -1.90 2.93 9.04
CA TYR B 25 -3.00 3.86 9.21
C TYR B 25 -2.72 5.23 8.58
N ILE B 26 -1.58 5.84 8.90
CA ILE B 26 -1.27 7.19 8.42
C ILE B 26 0.04 7.25 7.67
N GLY B 27 0.73 6.14 7.48
CA GLY B 27 2.06 6.18 6.89
C GLY B 27 3.14 6.26 7.96
N SER B 28 4.37 6.47 7.49
CA SER B 28 5.51 6.47 8.39
C SER B 28 5.47 7.66 9.35
N VAL B 29 5.78 7.40 10.62
CA VAL B 29 5.92 8.45 11.61
C VAL B 29 7.38 8.84 11.81
N GLU B 30 8.25 8.42 10.90
CA GLU B 30 9.65 8.82 10.88
C GLU B 30 9.89 9.81 9.76
N LEU B 31 10.95 10.61 9.92
CA LEU B 31 11.29 11.60 8.92
C LEU B 31 11.76 10.94 7.64
N VAL B 32 11.32 11.49 6.50
CA VAL B 32 11.66 11.01 5.18
C VAL B 32 12.16 12.19 4.37
N THR B 33 13.22 11.97 3.59
CA THR B 33 13.78 12.98 2.71
C THR B 33 13.62 12.50 1.28
N GLN B 34 12.82 13.22 0.49
CA GLN B 34 12.57 12.82 -0.89
C GLN B 34 12.07 14.04 -1.67
N GLN B 35 12.22 13.98 -2.99
CA GLN B 35 11.85 15.10 -3.84
C GLN B 35 10.35 15.09 -4.09
N MET B 36 9.71 16.21 -3.75
CA MET B 36 8.25 16.34 -3.81
C MET B 36 7.88 17.67 -4.43
N TRP B 37 6.66 17.74 -4.94
CA TRP B 37 6.09 19.00 -5.41
C TRP B 37 5.54 19.76 -4.20
N VAL B 38 5.95 21.02 -4.06
CA VAL B 38 5.55 21.87 -2.95
C VAL B 38 5.16 23.23 -3.50
N TYR B 39 4.61 24.07 -2.62
CA TYR B 39 4.34 25.47 -2.94
C TYR B 39 4.98 26.33 -1.85
N ASP B 40 6.05 27.02 -2.22
CA ASP B 40 6.73 27.92 -1.31
C ASP B 40 6.17 29.34 -1.43
N GLU B 41 6.40 30.13 -0.38
CA GLU B 41 5.82 31.47 -0.33
C GLU B 41 6.36 32.36 -1.44
N ASP B 42 7.63 32.25 -1.76
CA ASP B 42 8.26 33.17 -2.70
C ASP B 42 8.27 32.67 -4.14
N VAL B 43 8.29 31.35 -4.36
CA VAL B 43 8.44 30.81 -5.71
C VAL B 43 7.24 29.96 -6.14
N GLY B 44 6.29 29.66 -5.25
CA GLY B 44 5.11 28.92 -5.65
C GLY B 44 5.34 27.44 -5.89
N ILE B 45 4.77 26.89 -6.96
CA ILE B 45 4.86 25.47 -7.23
C ILE B 45 6.27 25.14 -7.72
N ASN B 46 6.93 24.21 -7.03
CA ASN B 46 8.27 23.79 -7.42
C ASN B 46 8.52 22.37 -6.93
N TYR B 47 9.38 21.66 -7.66
CA TYR B 47 9.70 20.26 -7.39
C TYR B 47 11.05 20.22 -6.69
N ARG B 48 11.03 20.14 -5.35
CA ARG B 48 12.26 20.21 -4.57
C ARG B 48 12.29 19.09 -3.54
N GLU B 49 13.50 18.75 -3.11
CA GLU B 49 13.69 17.75 -2.07
C GLU B 49 13.22 18.31 -0.72
N VAL B 50 12.36 17.55 -0.04
CA VAL B 50 11.81 17.98 1.24
C VAL B 50 11.99 16.86 2.26
N THR B 51 12.06 17.25 3.53
CA THR B 51 12.12 16.35 4.66
C THR B 51 10.87 16.56 5.50
N PHE B 52 10.15 15.46 5.75
CA PHE B 52 8.85 15.56 6.40
C PHE B 52 8.44 14.21 6.94
N VAL B 53 7.48 14.22 7.85
CA VAL B 53 6.90 13.00 8.42
C VAL B 53 5.64 12.68 7.63
N PRO B 54 5.57 11.56 6.92
CA PRO B 54 4.37 11.27 6.13
C PRO B 54 3.09 11.24 6.95
N GLY B 55 3.16 10.79 8.21
CA GLY B 55 1.95 10.68 9.01
C GLY B 55 1.30 12.02 9.31
N LEU B 56 2.11 13.04 9.60
CA LEU B 56 1.59 14.38 9.85
C LEU B 56 0.90 14.93 8.61
N TYR B 57 1.59 14.87 7.47
CA TYR B 57 1.01 15.25 6.19
C TYR B 57 -0.31 14.52 5.94
N LYS B 58 -0.37 13.24 6.29
CA LYS B 58 -1.54 12.43 5.99
C LYS B 58 -2.72 12.80 6.88
N ILE B 59 -2.46 13.08 8.17
CA ILE B 59 -3.58 13.49 9.03
C ILE B 59 -4.09 14.86 8.63
N PHE B 60 -3.24 15.68 7.99
CA PHE B 60 -3.77 16.89 7.35
C PHE B 60 -4.65 16.54 6.15
N ASP B 61 -4.14 15.66 5.29
CA ASP B 61 -4.85 15.28 4.07
C ASP B 61 -6.22 14.68 4.36
N GLU B 62 -6.36 13.97 5.48
CA GLU B 62 -7.63 13.33 5.78
C GLU B 62 -8.74 14.35 5.96
N ILE B 63 -8.51 15.36 6.81
CA ILE B 63 -9.51 16.39 7.03
C ILE B 63 -9.76 17.18 5.75
N LEU B 64 -8.69 17.45 4.99
CA LEU B 64 -8.88 18.19 3.74
C LEU B 64 -9.78 17.42 2.76
N VAL B 65 -9.54 16.11 2.61
CA VAL B 65 -10.34 15.30 1.71
C VAL B 65 -11.77 15.16 2.22
N ASN B 66 -11.97 15.12 3.54
CA ASN B 66 -13.32 15.13 4.08
C ASN B 66 -14.07 16.40 3.66
N ALA B 67 -13.41 17.54 3.82
CA ALA B 67 -14.00 18.80 3.35
C ALA B 67 -14.37 18.71 1.88
N ALA B 68 -13.47 18.15 1.06
CA ALA B 68 -13.76 18.02 -0.37
C ALA B 68 -14.97 17.11 -0.61
N ASP B 69 -15.08 16.03 0.15
CA ASP B 69 -16.20 15.10 -0.01
C ASP B 69 -17.53 15.76 0.32
N ASN B 70 -17.51 16.73 1.23
CA ASN B 70 -18.78 17.40 1.55
C ASN B 70 -19.38 18.09 0.33
N LYS B 71 -18.56 18.46 -0.65
CA LYS B 71 -19.08 19.00 -1.90
C LYS B 71 -19.94 17.98 -2.63
N GLN B 72 -19.50 16.72 -2.64
CA GLN B 72 -20.33 15.66 -3.18
C GLN B 72 -21.57 15.45 -2.32
N ARG B 73 -21.44 15.61 -1.00
CA ARG B 73 -22.60 15.48 -0.13
C ARG B 73 -23.59 16.62 -0.36
N ASP B 74 -23.09 17.84 -0.56
CA ASP B 74 -23.94 19.01 -0.78
C ASP B 74 -23.36 19.82 -1.93
N PRO B 75 -23.94 19.71 -3.13
CA PRO B 75 -23.39 20.44 -4.29
C PRO B 75 -23.46 21.96 -4.16
N LYS B 76 -24.25 22.50 -3.24
CA LYS B 76 -24.30 23.95 -3.05
C LYS B 76 -23.10 24.49 -2.28
N MET B 77 -22.26 23.61 -1.73
CA MET B 77 -21.04 24.05 -1.06
C MET B 77 -20.13 24.77 -2.05
N SER B 78 -19.49 25.84 -1.60
CA SER B 78 -18.72 26.69 -2.50
C SER B 78 -17.28 26.92 -2.06
N CYS B 79 -17.00 26.86 -0.77
CA CYS B 79 -15.70 27.31 -0.28
C CYS B 79 -15.12 26.41 0.82
N ILE B 80 -13.80 26.25 0.75
CA ILE B 80 -12.98 25.68 1.81
C ILE B 80 -12.05 26.79 2.32
N ARG B 81 -11.73 26.73 3.61
CA ARG B 81 -10.82 27.69 4.25
C ARG B 81 -9.81 26.91 5.08
N VAL B 82 -8.54 26.99 4.72
CA VAL B 82 -7.48 26.31 5.45
C VAL B 82 -6.58 27.37 6.09
N THR B 83 -6.40 27.28 7.40
CA THR B 83 -5.47 28.13 8.13
C THR B 83 -4.44 27.27 8.83
N ILE B 84 -3.17 27.68 8.74
CA ILE B 84 -2.04 26.95 9.30
C ILE B 84 -1.22 27.95 10.12
N ASP B 85 -1.24 27.80 11.45
CA ASP B 85 -0.48 28.67 12.34
C ASP B 85 0.59 27.85 13.03
N PRO B 86 1.84 27.90 12.55
CA PRO B 86 2.90 27.06 13.17
C PRO B 86 3.26 27.50 14.58
N GLU B 87 3.11 28.78 14.92
CA GLU B 87 3.51 29.25 16.24
C GLU B 87 2.73 28.55 17.34
N ASN B 88 1.40 28.61 17.27
CA ASN B 88 0.54 27.93 18.23
C ASN B 88 0.26 26.49 17.86
N ASN B 89 0.85 26.00 16.76
CA ASN B 89 0.67 24.63 16.31
C ASN B 89 -0.82 24.31 16.11
N LEU B 90 -1.47 25.13 15.28
CA LEU B 90 -2.92 25.06 15.11
C LEU B 90 -3.26 25.01 13.63
N ILE B 91 -3.98 23.97 13.23
CA ILE B 91 -4.44 23.83 11.85
C ILE B 91 -5.96 23.78 11.85
N SER B 92 -6.58 24.61 11.02
CA SER B 92 -8.03 24.64 10.89
C SER B 92 -8.42 24.41 9.44
N ILE B 93 -9.45 23.59 9.24
CA ILE B 93 -10.04 23.34 7.94
C ILE B 93 -11.53 23.56 8.07
N TRP B 94 -12.06 24.52 7.33
CA TRP B 94 -13.44 24.96 7.38
C TRP B 94 -14.04 24.81 5.99
N ASN B 95 -15.34 24.57 5.92
CA ASN B 95 -15.99 24.48 4.63
C ASN B 95 -17.46 24.83 4.78
N ASN B 96 -18.02 25.45 3.74
CA ASN B 96 -19.44 25.75 3.75
C ASN B 96 -20.23 24.56 3.19
N GLY B 97 -21.54 24.72 3.12
CA GLY B 97 -22.43 23.61 2.79
C GLY B 97 -23.01 22.98 4.04
N LYS B 98 -23.91 22.02 3.79
CA LYS B 98 -24.67 21.38 4.87
C LYS B 98 -23.76 20.82 5.94
N GLY B 99 -24.06 21.15 7.19
CA GLY B 99 -23.30 20.64 8.31
C GLY B 99 -23.77 19.26 8.73
N ILE B 100 -23.10 18.74 9.74
CA ILE B 100 -23.40 17.40 10.25
C ILE B 100 -24.68 17.47 11.10
N PRO B 101 -25.61 16.54 10.93
CA PRO B 101 -26.85 16.57 11.74
C PRO B 101 -26.55 16.55 13.24
N VAL B 102 -27.09 17.54 13.94
CA VAL B 102 -26.88 17.68 15.38
C VAL B 102 -28.07 16.99 16.06
N VAL B 103 -27.89 15.71 16.38
CA VAL B 103 -28.96 14.91 16.95
C VAL B 103 -28.34 13.66 17.56
N GLU B 104 -29.06 13.04 18.50
CA GLU B 104 -28.60 11.82 19.14
C GLU B 104 -28.83 10.62 18.24
N HIS B 105 -27.80 9.77 18.14
CA HIS B 105 -27.89 8.54 17.36
C HIS B 105 -28.72 7.51 18.14
N LYS B 106 -29.87 7.11 17.59
CA LYS B 106 -30.76 6.20 18.29
C LYS B 106 -30.17 4.81 18.46
N VAL B 107 -29.12 4.46 17.71
CA VAL B 107 -28.52 3.13 17.78
C VAL B 107 -27.31 3.11 18.69
N GLU B 108 -26.40 4.08 18.55
CA GLU B 108 -25.19 4.12 19.35
C GLU B 108 -25.30 4.99 20.60
N LYS B 109 -26.41 5.72 20.76
CA LYS B 109 -26.70 6.50 21.95
C LYS B 109 -25.61 7.54 22.21
N MET B 110 -25.46 8.46 21.26
CA MET B 110 -24.61 9.64 21.39
C MET B 110 -24.89 10.54 20.19
N TYR B 111 -24.38 11.76 20.26
CA TYR B 111 -24.60 12.71 19.18
C TYR B 111 -23.76 12.37 17.97
N VAL B 112 -24.28 12.69 16.79
CA VAL B 112 -23.68 12.22 15.53
C VAL B 112 -22.26 12.73 15.34
N PRO B 113 -21.95 14.02 15.53
CA PRO B 113 -20.54 14.44 15.39
C PRO B 113 -19.62 13.74 16.38
N ALA B 114 -20.04 13.60 17.64
CA ALA B 114 -19.24 12.85 18.61
C ALA B 114 -19.02 11.42 18.14
N LEU B 115 -20.04 10.81 17.54
CA LEU B 115 -19.93 9.44 17.07
C LEU B 115 -18.93 9.32 15.93
N ILE B 116 -19.05 10.18 14.91
CA ILE B 116 -18.20 10.04 13.72
C ILE B 116 -16.85 10.72 13.87
N PHE B 117 -16.58 11.37 15.00
CA PHE B 117 -15.25 11.93 15.25
C PHE B 117 -14.54 11.37 16.47
N GLY B 118 -15.21 10.59 17.31
CA GLY B 118 -14.56 10.07 18.51
C GLY B 118 -14.66 8.57 18.68
N GLN B 119 -15.22 7.89 17.68
CA GLN B 119 -15.36 6.44 17.73
C GLN B 119 -14.79 5.85 16.45
N LEU B 120 -14.00 4.78 16.59
CA LEU B 120 -13.38 4.16 15.44
C LEU B 120 -14.40 3.36 14.64
N LEU B 121 -14.15 3.24 13.33
CA LEU B 121 -15.01 2.49 12.41
C LEU B 121 -16.42 3.08 12.38
N THR B 122 -16.49 4.39 12.16
CA THR B 122 -17.75 5.10 11.98
C THR B 122 -17.70 5.86 10.67
N SER B 123 -18.75 5.73 9.87
CA SER B 123 -18.72 6.30 8.53
C SER B 123 -20.14 6.42 7.98
N SER B 124 -20.28 7.29 6.99
CA SER B 124 -21.46 7.36 6.15
C SER B 124 -21.26 6.68 4.81
N ASN B 125 -20.12 6.01 4.63
CA ASN B 125 -19.78 5.38 3.37
C ASN B 125 -19.75 3.85 3.46
N TYR B 126 -20.41 3.29 4.47
CA TYR B 126 -20.42 1.83 4.66
C TYR B 126 -21.49 1.13 3.84
N ASP B 127 -22.40 1.87 3.19
CA ASP B 127 -23.44 1.28 2.37
C ASP B 127 -23.00 1.38 0.91
N ASP B 128 -22.48 0.27 0.38
CA ASP B 128 -21.97 0.26 -0.99
C ASP B 128 -23.07 0.16 -2.04
N ASP B 129 -24.32 -0.10 -1.64
CA ASP B 129 -25.41 0.01 -2.61
C ASP B 129 -25.55 1.43 -3.11
N GLU B 130 -25.16 2.41 -2.29
CA GLU B 130 -25.03 3.78 -2.76
C GLU B 130 -23.70 3.93 -3.48
N LYS B 131 -23.74 4.32 -4.75
CA LYS B 131 -22.53 4.50 -5.54
C LYS B 131 -22.07 5.94 -5.38
N LYS B 132 -21.19 6.16 -4.42
CA LYS B 132 -20.70 7.50 -4.09
C LYS B 132 -19.35 7.76 -4.72
N VAL B 133 -19.10 9.03 -5.06
CA VAL B 133 -17.81 9.43 -5.62
C VAL B 133 -17.05 10.26 -4.59
N THR B 134 -17.30 9.99 -3.31
CA THR B 134 -16.54 10.64 -2.26
C THR B 134 -15.21 9.91 -2.03
N GLY B 135 -14.30 10.58 -1.33
CA GLY B 135 -13.02 9.97 -1.01
C GLY B 135 -13.06 9.05 0.19
N GLY B 136 -13.92 9.34 1.16
CA GLY B 136 -13.99 8.53 2.36
C GLY B 136 -14.56 7.15 2.07
N ARG B 137 -13.93 6.13 2.65
CA ARG B 137 -14.35 4.76 2.40
C ARG B 137 -14.37 3.92 3.68
N ASN B 138 -13.41 4.14 4.58
CA ASN B 138 -13.17 3.19 5.66
C ASN B 138 -13.66 3.64 7.03
N GLY B 139 -13.95 4.92 7.22
CA GLY B 139 -14.36 5.39 8.52
C GLY B 139 -13.24 5.51 9.54
N TYR B 140 -12.07 5.96 9.10
CA TYR B 140 -10.87 6.09 9.93
C TYR B 140 -10.32 7.51 9.99
N GLY B 141 -10.35 8.23 8.87
CA GLY B 141 -9.48 9.39 8.69
C GLY B 141 -9.61 10.43 9.79
N ALA B 142 -10.84 10.87 10.06
CA ALA B 142 -11.04 11.89 11.09
C ALA B 142 -10.58 11.40 12.45
N LYS B 143 -10.91 10.15 12.79
CA LYS B 143 -10.48 9.59 14.06
C LYS B 143 -8.96 9.44 14.11
N LEU B 144 -8.33 9.12 12.97
CA LEU B 144 -6.87 9.03 12.96
C LEU B 144 -6.23 10.39 13.21
N CYS B 145 -6.76 11.45 12.59
CA CYS B 145 -6.25 12.78 12.89
C CYS B 145 -6.46 13.14 14.35
N ASN B 146 -7.61 12.75 14.91
CA ASN B 146 -7.86 12.96 16.33
C ASN B 146 -6.84 12.25 17.20
N ILE B 147 -6.53 11.00 16.86
CA ILE B 147 -5.64 10.18 17.67
C ILE B 147 -4.22 10.73 17.67
N PHE B 148 -3.79 11.35 16.56
CA PHE B 148 -2.46 11.91 16.47
C PHE B 148 -2.45 13.42 16.68
N SER B 149 -3.38 13.92 17.49
CA SER B 149 -3.41 15.31 17.91
C SER B 149 -3.41 15.36 19.43
N THR B 150 -2.85 16.43 19.99
CA THR B 150 -2.96 16.66 21.42
C THR B 150 -4.30 17.29 21.78
N LYS B 151 -4.86 18.10 20.89
CA LYS B 151 -6.17 18.69 21.06
C LYS B 151 -6.85 18.72 19.70
N PHE B 152 -8.14 18.41 19.68
CA PHE B 152 -8.86 18.19 18.43
C PHE B 152 -10.30 18.65 18.61
N THR B 153 -10.67 19.76 17.97
CA THR B 153 -11.97 20.37 18.14
C THR B 153 -12.78 20.25 16.85
N VAL B 154 -14.03 19.83 16.99
CA VAL B 154 -14.97 19.71 15.89
C VAL B 154 -16.13 20.66 16.14
N GLU B 155 -16.44 21.50 15.17
CA GLU B 155 -17.58 22.40 15.23
C GLU B 155 -18.36 22.27 13.93
N THR B 156 -19.68 22.14 14.02
CA THR B 156 -20.49 21.99 12.82
C THR B 156 -21.90 22.47 13.11
N ALA B 157 -22.48 23.19 12.16
CA ALA B 157 -23.78 23.82 12.35
C ALA B 157 -24.79 23.29 11.34
N SER B 158 -25.94 22.83 11.83
CA SER B 158 -27.01 22.33 10.98
C SER B 158 -28.22 23.23 11.16
N ARG B 159 -28.60 23.92 10.08
CA ARG B 159 -29.80 24.75 10.11
C ARG B 159 -31.07 23.92 10.04
N GLU B 160 -31.00 22.73 9.43
CA GLU B 160 -32.17 21.84 9.43
C GLU B 160 -32.55 21.44 10.84
N TYR B 161 -31.56 21.01 11.63
CA TYR B 161 -31.78 20.73 13.05
C TYR B 161 -31.67 21.98 13.91
N LYS B 162 -31.36 23.13 13.29
CA LYS B 162 -31.34 24.43 13.97
C LYS B 162 -30.43 24.41 15.19
N LYS B 163 -29.31 23.69 15.09
CA LYS B 163 -28.37 23.56 16.20
C LYS B 163 -26.95 23.71 15.69
N MET B 164 -26.04 23.86 16.65
CA MET B 164 -24.61 23.96 16.39
C MET B 164 -23.89 23.16 17.45
N PHE B 165 -23.02 22.24 17.01
CA PHE B 165 -22.28 21.32 17.86
C PHE B 165 -20.82 21.75 17.91
N LYS B 166 -20.21 21.65 19.08
CA LYS B 166 -18.77 21.87 19.21
C LYS B 166 -18.25 21.03 20.37
N GLN B 167 -17.26 20.17 20.09
CA GLN B 167 -16.67 19.36 21.14
C GLN B 167 -15.19 19.12 20.86
N THR B 168 -14.42 18.91 21.93
CA THR B 168 -12.98 18.79 21.86
C THR B 168 -12.53 17.48 22.51
N TRP B 169 -11.62 16.79 21.83
CA TRP B 169 -10.93 15.62 22.35
C TRP B 169 -9.48 15.99 22.66
N MET B 170 -8.92 15.33 23.68
CA MET B 170 -7.59 15.68 24.16
C MET B 170 -6.77 14.41 24.38
N ASP B 171 -5.45 14.57 24.30
CA ASP B 171 -4.48 13.53 24.66
C ASP B 171 -4.69 12.26 23.85
N ASN B 172 -4.49 12.38 22.53
CA ASN B 172 -4.56 11.24 21.61
C ASN B 172 -5.89 10.52 21.71
N MET B 173 -6.98 11.31 21.72
CA MET B 173 -8.34 10.80 21.83
C MET B 173 -8.49 9.92 23.07
N GLY B 174 -7.81 10.32 24.15
CA GLY B 174 -7.90 9.59 25.41
C GLY B 174 -8.99 10.13 26.31
N ARG B 175 -9.40 11.38 26.05
CA ARG B 175 -10.48 12.00 26.79
C ARG B 175 -11.12 13.06 25.92
N ALA B 176 -12.35 13.43 26.26
CA ALA B 176 -13.14 14.38 25.48
C ALA B 176 -13.63 15.51 26.37
N GLY B 177 -13.74 16.70 25.78
CA GLY B 177 -14.17 17.87 26.51
C GLY B 177 -15.69 17.97 26.60
N GLU B 178 -16.15 19.20 26.85
CA GLU B 178 -17.57 19.45 27.04
C GLU B 178 -18.27 19.63 25.69
N MET B 179 -19.33 18.86 25.47
CA MET B 179 -20.15 19.02 24.28
C MET B 179 -20.99 20.29 24.41
N GLU B 180 -20.76 21.25 23.53
CA GLU B 180 -21.45 22.53 23.55
C GLU B 180 -22.44 22.58 22.39
N LEU B 181 -23.72 22.69 22.72
CA LEU B 181 -24.80 22.76 21.75
C LEU B 181 -25.47 24.12 21.87
N LYS B 182 -25.67 24.79 20.74
CA LYS B 182 -26.26 26.12 20.75
C LYS B 182 -27.30 26.24 19.64
N PRO B 183 -28.33 27.06 19.85
CA PRO B 183 -29.29 27.31 18.77
C PRO B 183 -28.63 27.98 17.58
N PHE B 184 -28.98 27.52 16.39
CA PHE B 184 -28.35 28.00 15.16
C PHE B 184 -29.41 28.21 14.09
N ASN B 185 -29.19 29.22 13.25
CA ASN B 185 -30.13 29.49 12.17
C ASN B 185 -29.49 30.21 10.98
N GLY B 186 -28.18 30.09 10.79
CA GLY B 186 -27.51 30.80 9.71
C GLY B 186 -26.90 29.89 8.66
N GLU B 187 -25.79 30.32 8.08
CA GLU B 187 -25.15 29.56 7.01
C GLU B 187 -24.46 28.32 7.59
N ASP B 188 -24.81 27.16 7.05
CA ASP B 188 -24.22 25.90 7.52
C ASP B 188 -22.72 25.86 7.24
N TYR B 189 -21.99 25.22 8.15
CA TYR B 189 -20.54 25.17 8.03
C TYR B 189 -20.01 24.03 8.89
N THR B 190 -18.77 23.62 8.57
CA THR B 190 -18.04 22.66 9.38
C THR B 190 -16.59 23.13 9.50
N CYS B 191 -16.08 23.17 10.72
CA CYS B 191 -14.71 23.56 11.00
C CYS B 191 -14.05 22.57 11.95
N ILE B 192 -12.92 22.03 11.52
CA ILE B 192 -12.10 21.14 12.33
C ILE B 192 -10.80 21.85 12.65
N THR B 193 -10.44 21.91 13.93
CA THR B 193 -9.23 22.60 14.35
C THR B 193 -8.42 21.68 15.26
N PHE B 194 -7.17 21.42 14.91
CA PHE B 194 -6.40 20.46 15.68
C PHE B 194 -4.97 20.94 15.89
N GLN B 195 -4.37 20.45 16.98
CA GLN B 195 -2.96 20.64 17.30
C GLN B 195 -2.24 19.32 17.11
N PRO B 196 -1.41 19.19 16.08
CA PRO B 196 -0.73 17.91 15.84
C PRO B 196 0.21 17.55 16.99
N ASP B 197 0.13 16.29 17.43
CA ASP B 197 1.03 15.81 18.46
C ASP B 197 2.43 15.66 17.87
N LEU B 198 3.22 16.74 17.91
CA LEU B 198 4.53 16.74 17.29
C LEU B 198 5.52 15.85 18.01
N SER B 199 5.22 15.42 19.24
CA SER B 199 6.07 14.45 19.90
C SER B 199 5.92 13.06 19.30
N LYS B 200 4.71 12.73 18.83
CA LYS B 200 4.52 11.46 18.13
C LYS B 200 5.32 11.42 16.83
N PHE B 201 5.52 12.57 16.20
CA PHE B 201 6.28 12.65 14.95
C PHE B 201 7.71 13.11 15.16
N LYS B 202 8.12 13.35 16.41
CA LYS B 202 9.49 13.74 16.75
C LYS B 202 9.90 15.02 16.03
N MET B 203 9.02 16.02 16.09
CA MET B 203 9.28 17.31 15.47
C MET B 203 9.11 18.42 16.50
N GLN B 204 9.87 19.50 16.31
CA GLN B 204 9.84 20.62 17.24
C GLN B 204 8.65 21.53 16.96
N SER B 205 8.42 21.87 15.70
CA SER B 205 7.29 22.69 15.30
C SER B 205 6.94 22.38 13.85
N LEU B 206 5.82 22.95 13.39
CA LEU B 206 5.43 22.86 11.98
C LEU B 206 6.39 23.75 11.18
N ASP B 207 7.36 23.13 10.51
CA ASP B 207 8.43 23.86 9.86
C ASP B 207 8.02 24.21 8.42
N LYS B 208 9.01 24.54 7.58
CA LYS B 208 8.73 25.10 6.26
C LYS B 208 8.32 24.02 5.26
N ASP B 209 9.02 22.88 5.24
CA ASP B 209 8.71 21.85 4.25
C ASP B 209 7.30 21.32 4.39
N ILE B 210 6.87 21.05 5.63
CA ILE B 210 5.53 20.52 5.84
C ILE B 210 4.48 21.57 5.50
N VAL B 211 4.77 22.85 5.77
CA VAL B 211 3.83 23.91 5.39
C VAL B 211 3.71 23.99 3.88
N ALA B 212 4.83 23.91 3.17
CA ALA B 212 4.79 23.96 1.71
C ALA B 212 4.01 22.79 1.14
N LEU B 213 4.21 21.59 1.69
CA LEU B 213 3.46 20.42 1.24
C LEU B 213 1.96 20.60 1.49
N MET B 214 1.60 21.11 2.67
CA MET B 214 0.18 21.34 2.96
C MET B 214 -0.42 22.38 2.02
N VAL B 215 0.35 23.41 1.68
CA VAL B 215 -0.12 24.45 0.76
C VAL B 215 -0.34 23.85 -0.63
N ARG B 216 0.60 23.01 -1.09
CA ARG B 216 0.41 22.36 -2.38
C ARG B 216 -0.78 21.42 -2.35
N ARG B 217 -1.07 20.81 -1.20
CA ARG B 217 -2.27 19.98 -1.10
C ARG B 217 -3.54 20.82 -1.21
N ALA B 218 -3.53 22.01 -0.60
CA ALA B 218 -4.66 22.92 -0.77
C ALA B 218 -4.83 23.31 -2.24
N TYR B 219 -3.72 23.54 -2.94
CA TYR B 219 -3.79 23.82 -4.37
C TYR B 219 -4.34 22.61 -5.14
N ASP B 220 -3.96 21.40 -4.73
CA ASP B 220 -4.52 20.20 -5.33
C ASP B 220 -6.03 20.17 -5.20
N ILE B 221 -6.52 20.47 -4.00
CA ILE B 221 -7.98 20.46 -3.78
C ILE B 221 -8.63 21.53 -4.64
N ALA B 222 -8.00 22.71 -4.76
CA ALA B 222 -8.53 23.74 -5.64
C ALA B 222 -8.57 23.28 -7.10
N GLY B 223 -7.63 22.44 -7.51
CA GLY B 223 -7.53 22.04 -8.90
C GLY B 223 -8.26 20.77 -9.29
N SER B 224 -8.64 19.95 -8.30
CA SER B 224 -9.27 18.67 -8.56
C SER B 224 -10.77 18.68 -8.38
N THR B 225 -11.29 19.61 -7.57
CA THR B 225 -12.72 19.73 -7.34
C THR B 225 -13.35 20.65 -8.39
N LYS B 226 -14.68 20.72 -8.35
CA LYS B 226 -15.45 21.57 -9.25
C LYS B 226 -16.27 22.57 -8.43
N ASP B 227 -16.27 23.83 -8.88
CA ASP B 227 -17.03 24.90 -8.24
C ASP B 227 -16.67 25.03 -6.76
N VAL B 228 -15.36 25.11 -6.50
CA VAL B 228 -14.84 25.24 -5.14
C VAL B 228 -13.67 26.22 -5.15
N LYS B 229 -13.76 27.24 -4.31
CA LYS B 229 -12.62 28.11 -4.05
C LYS B 229 -12.03 27.79 -2.68
N VAL B 230 -10.72 27.96 -2.58
CA VAL B 230 -9.96 27.53 -1.41
C VAL B 230 -9.22 28.74 -0.84
N PHE B 231 -9.63 29.17 0.35
CA PHE B 231 -8.87 30.11 1.15
C PHE B 231 -7.68 29.41 1.78
N LEU B 232 -6.54 30.11 1.86
CA LEU B 232 -5.39 29.64 2.61
C LEU B 232 -4.86 30.80 3.44
N ASN B 233 -5.07 30.72 4.77
CA ASN B 233 -4.81 31.83 5.67
C ASN B 233 -5.53 33.09 5.20
N GLY B 234 -6.77 32.89 4.75
CA GLY B 234 -7.56 33.98 4.19
C GLY B 234 -7.24 34.35 2.77
N ASN B 235 -6.25 33.71 2.15
CA ASN B 235 -5.84 34.01 0.79
C ASN B 235 -6.42 32.96 -0.16
N LYS B 236 -7.09 33.43 -1.20
CA LYS B 236 -7.67 32.53 -2.20
C LYS B 236 -6.58 31.95 -3.09
N LEU B 237 -6.81 30.74 -3.58
CA LEU B 237 -5.88 30.08 -4.47
C LEU B 237 -6.31 30.30 -5.92
N PRO B 238 -5.47 30.90 -6.76
CA PRO B 238 -5.87 31.26 -8.13
C PRO B 238 -5.83 30.07 -9.09
N VAL B 239 -6.76 29.13 -8.88
CA VAL B 239 -6.87 27.94 -9.71
C VAL B 239 -8.27 27.92 -10.32
N LYS B 240 -8.33 27.93 -11.65
CA LYS B 240 -9.59 27.90 -12.39
C LYS B 240 -9.56 26.69 -13.31
N GLY B 241 -9.75 25.52 -12.74
CA GLY B 241 -9.86 24.34 -13.57
C GLY B 241 -8.64 23.44 -13.46
N PHE B 242 -8.87 22.14 -13.71
CA PHE B 242 -7.78 21.18 -13.69
C PHE B 242 -6.72 21.51 -14.73
N ARG B 243 -7.12 22.12 -15.85
CA ARG B 243 -6.15 22.49 -16.88
C ARG B 243 -5.20 23.56 -16.38
N SER B 244 -5.73 24.60 -15.73
CA SER B 244 -4.87 25.64 -15.17
C SER B 244 -4.00 25.08 -14.04
N TYR B 245 -4.56 24.18 -13.24
CA TYR B 245 -3.76 23.53 -12.20
C TYR B 245 -2.58 22.80 -12.81
N VAL B 246 -2.82 22.03 -13.88
CA VAL B 246 -1.74 21.31 -14.53
C VAL B 246 -0.73 22.27 -15.13
N ASP B 247 -1.22 23.38 -15.72
CA ASP B 247 -0.32 24.39 -16.28
C ASP B 247 0.58 24.98 -15.21
N MET B 248 0.10 25.06 -13.96
CA MET B 248 0.95 25.53 -12.87
C MET B 248 2.24 24.74 -12.75
N TYR B 249 2.23 23.47 -13.20
CA TYR B 249 3.41 22.63 -13.09
C TYR B 249 4.41 22.88 -14.21
N LEU B 250 3.95 23.29 -15.38
CA LEU B 250 4.78 23.38 -16.58
C LEU B 250 4.77 24.78 -17.17
N LYS B 251 4.84 25.80 -16.32
CA LYS B 251 4.77 27.18 -16.80
C LYS B 251 5.96 27.52 -17.70
N ASP B 252 5.76 27.36 -19.01
CA ASP B 252 6.76 27.66 -20.03
C ASP B 252 8.07 26.91 -19.82
N LYS B 253 8.02 25.77 -19.14
CA LYS B 253 9.21 24.96 -18.92
C LYS B 253 9.52 24.15 -20.17
N LEU B 254 10.76 24.21 -20.62
CA LEU B 254 11.18 23.61 -21.88
C LEU B 254 11.69 22.18 -21.65
N ASP B 255 11.73 21.42 -22.73
CA ASP B 255 12.26 20.06 -22.69
C ASP B 255 13.79 20.14 -22.77
N GLU B 256 14.44 18.98 -22.94
CA GLU B 256 15.90 18.95 -22.94
C GLU B 256 16.50 19.56 -24.20
N THR B 257 15.71 19.76 -25.25
CA THR B 257 16.22 20.34 -26.48
C THR B 257 16.02 21.84 -26.57
N GLY B 258 15.11 22.41 -25.79
CA GLY B 258 14.88 23.84 -25.78
C GLY B 258 13.50 24.27 -26.23
N ASN B 259 12.58 23.35 -26.52
CA ASN B 259 11.24 23.70 -26.97
C ASN B 259 10.26 23.58 -25.80
N SER B 260 9.22 24.41 -25.85
CA SER B 260 8.20 24.37 -24.80
C SER B 260 7.46 23.03 -24.86
N LEU B 261 7.13 22.52 -23.67
CA LEU B 261 6.43 21.23 -23.58
C LEU B 261 5.02 21.35 -24.16
N LYS B 262 4.72 20.48 -25.12
CA LYS B 262 3.39 20.47 -25.73
C LYS B 262 2.43 19.66 -24.87
N VAL B 263 1.26 20.23 -24.59
CA VAL B 263 0.28 19.64 -23.68
C VAL B 263 -0.94 19.21 -24.49
N ILE B 264 -1.33 17.95 -24.34
CA ILE B 264 -2.52 17.40 -24.96
C ILE B 264 -3.55 17.19 -23.86
N HIS B 265 -4.66 17.91 -23.95
CA HIS B 265 -5.66 17.94 -22.88
C HIS B 265 -7.03 17.59 -23.42
N GLU B 266 -7.82 16.88 -22.60
CA GLU B 266 -9.22 16.63 -22.92
C GLU B 266 -10.00 16.34 -21.64
N GLN B 267 -11.16 16.97 -21.50
CA GLN B 267 -12.13 16.63 -20.47
C GLN B 267 -13.12 15.67 -21.10
N VAL B 268 -12.92 14.37 -20.87
CA VAL B 268 -13.71 13.35 -21.56
C VAL B 268 -15.18 13.45 -21.19
N ASN B 269 -15.46 13.62 -19.90
CA ASN B 269 -16.83 13.79 -19.43
C ASN B 269 -16.79 14.47 -18.06
N HIS B 270 -17.91 14.41 -17.33
CA HIS B 270 -18.02 15.09 -16.05
C HIS B 270 -17.21 14.43 -14.95
N ARG B 271 -16.62 13.27 -15.20
CA ARG B 271 -15.88 12.54 -14.17
C ARG B 271 -14.43 12.27 -14.54
N TRP B 272 -13.97 12.70 -15.71
CA TRP B 272 -12.60 12.43 -16.15
C TRP B 272 -12.04 13.64 -16.87
N GLU B 273 -10.83 14.04 -16.48
CA GLU B 273 -10.10 15.10 -17.18
C GLU B 273 -8.63 14.70 -17.24
N VAL B 274 -8.07 14.69 -18.45
CA VAL B 274 -6.75 14.11 -18.68
C VAL B 274 -5.87 15.12 -19.41
N CYS B 275 -4.61 15.20 -18.98
CA CYS B 275 -3.57 15.94 -19.66
C CYS B 275 -2.37 15.03 -19.89
N LEU B 276 -1.60 15.33 -20.93
CA LEU B 276 -0.44 14.51 -21.29
C LEU B 276 0.65 15.40 -21.86
N THR B 277 1.89 15.18 -21.42
CA THR B 277 3.03 15.91 -21.95
C THR B 277 4.25 15.00 -21.95
N MET B 278 5.38 15.55 -22.38
CA MET B 278 6.62 14.80 -22.39
C MET B 278 7.25 14.78 -21.00
N SER B 279 7.90 13.67 -20.69
CA SER B 279 8.57 13.47 -19.41
C SER B 279 10.02 13.08 -19.66
N GLU B 280 10.94 13.83 -19.04
CA GLU B 280 12.35 13.50 -19.12
C GLU B 280 12.77 12.47 -18.08
N LYS B 281 12.05 12.39 -16.96
CA LYS B 281 12.42 11.56 -15.83
C LYS B 281 11.77 10.19 -15.85
N GLY B 282 11.52 9.62 -17.03
CA GLY B 282 10.76 8.39 -17.11
C GLY B 282 9.27 8.66 -16.97
N PHE B 283 8.52 7.57 -16.78
CA PHE B 283 7.07 7.69 -16.68
C PHE B 283 6.68 8.40 -15.40
N GLN B 284 6.02 9.54 -15.54
CA GLN B 284 5.49 10.31 -14.41
C GLN B 284 3.97 10.34 -14.48
N GLN B 285 3.34 10.39 -13.32
CA GLN B 285 1.90 10.53 -13.24
C GLN B 285 1.54 11.37 -12.03
N ILE B 286 0.57 12.26 -12.21
CA ILE B 286 -0.03 13.04 -11.13
C ILE B 286 -1.53 12.85 -11.24
N SER B 287 -2.09 12.06 -10.33
CA SER B 287 -3.47 11.62 -10.45
C SER B 287 -4.25 11.96 -9.19
N PHE B 288 -5.56 12.05 -9.36
CA PHE B 288 -6.50 12.27 -8.27
C PHE B 288 -7.72 11.40 -8.48
N VAL B 289 -8.18 10.79 -7.39
CA VAL B 289 -9.40 9.99 -7.37
C VAL B 289 -10.26 10.54 -6.25
N ASN B 290 -11.39 11.16 -6.62
CA ASN B 290 -12.28 11.80 -5.65
C ASN B 290 -11.49 12.77 -4.79
N SER B 291 -10.58 13.51 -5.44
CA SER B 291 -9.70 14.53 -4.85
C SER B 291 -8.56 13.90 -4.06
N ILE B 292 -8.56 12.58 -3.88
CA ILE B 292 -7.46 11.93 -3.18
C ILE B 292 -6.24 11.93 -4.08
N ALA B 293 -5.10 12.39 -3.56
CA ALA B 293 -3.85 12.34 -4.29
C ALA B 293 -3.33 10.91 -4.26
N THR B 294 -3.49 10.20 -5.37
CA THR B 294 -3.00 8.83 -5.48
C THR B 294 -1.57 8.89 -5.97
N SER B 295 -0.64 9.03 -5.02
CA SER B 295 0.77 9.20 -5.34
C SER B 295 1.40 7.93 -5.91
N LYS B 296 0.79 6.77 -5.70
CA LYS B 296 1.28 5.53 -6.28
C LYS B 296 0.53 5.15 -7.55
N GLY B 297 -0.48 5.92 -7.95
CA GLY B 297 -1.20 5.65 -9.17
C GLY B 297 -2.40 4.75 -8.95
N GLY B 298 -2.59 3.78 -9.83
CA GLY B 298 -3.73 2.88 -9.72
C GLY B 298 -4.39 2.60 -11.05
N ARG B 299 -5.46 1.80 -11.03
CA ARG B 299 -6.05 1.32 -12.27
C ARG B 299 -6.71 2.42 -13.09
N HIS B 300 -7.01 3.58 -12.48
CA HIS B 300 -7.46 4.71 -13.28
C HIS B 300 -6.34 5.24 -14.17
N VAL B 301 -5.14 5.38 -13.61
CA VAL B 301 -3.99 5.82 -14.38
C VAL B 301 -3.67 4.83 -15.49
N ASP B 302 -3.72 3.53 -15.17
CA ASP B 302 -3.49 2.52 -16.19
C ASP B 302 -4.56 2.58 -17.27
N TYR B 303 -5.82 2.68 -16.86
CA TYR B 303 -6.93 2.74 -17.81
C TYR B 303 -6.80 3.93 -18.76
N VAL B 304 -6.24 5.03 -18.28
CA VAL B 304 -6.08 6.19 -19.16
C VAL B 304 -4.83 6.05 -20.02
N ALA B 305 -3.72 5.59 -19.45
CA ALA B 305 -2.44 5.61 -20.16
C ALA B 305 -2.29 4.46 -21.15
N ASP B 306 -2.89 3.31 -20.88
CA ASP B 306 -2.73 2.17 -21.78
C ASP B 306 -3.39 2.40 -23.13
N GLN B 307 -4.43 3.23 -23.18
CA GLN B 307 -5.01 3.61 -24.47
C GLN B 307 -3.98 4.32 -25.33
N ILE B 308 -3.34 5.35 -24.77
CA ILE B 308 -2.28 6.06 -25.47
C ILE B 308 -1.16 5.10 -25.87
N VAL B 309 -0.79 4.20 -24.97
CA VAL B 309 0.32 3.29 -25.22
C VAL B 309 -0.01 2.37 -26.40
N THR B 310 -1.21 1.78 -26.39
CA THR B 310 -1.62 0.89 -27.48
C THR B 310 -1.66 1.63 -28.81
N LYS B 311 -2.21 2.84 -28.81
CA LYS B 311 -2.29 3.61 -30.05
C LYS B 311 -0.90 3.90 -30.60
N LEU B 312 0.01 4.37 -29.74
CA LEU B 312 1.36 4.69 -30.20
C LEU B 312 2.11 3.44 -30.64
N VAL B 313 1.86 2.30 -29.98
CA VAL B 313 2.54 1.06 -30.38
C VAL B 313 2.05 0.61 -31.76
N ASP B 314 0.74 0.67 -32.00
CA ASP B 314 0.24 0.35 -33.34
C ASP B 314 0.84 1.28 -34.38
N VAL B 315 0.94 2.58 -34.05
CA VAL B 315 1.51 3.54 -34.99
C VAL B 315 2.95 3.16 -35.33
N VAL B 316 3.78 2.93 -34.31
CA VAL B 316 5.19 2.61 -34.57
C VAL B 316 5.33 1.25 -35.23
N LYS B 317 4.35 0.36 -35.08
CA LYS B 317 4.39 -0.91 -35.81
C LYS B 317 4.07 -0.72 -37.28
N LYS B 318 3.26 0.29 -37.61
CA LYS B 318 2.96 0.56 -39.02
C LYS B 318 4.24 0.93 -39.78
N LYS B 319 5.06 1.80 -39.20
CA LYS B 319 6.24 2.33 -39.89
C LYS B 319 7.50 1.51 -39.58
N ASN B 320 7.40 0.20 -39.75
CA ASN B 320 8.57 -0.66 -39.58
C ASN B 320 8.59 -1.75 -40.65
N VAL B 326 8.65 -3.24 -30.54
CA VAL B 326 8.47 -2.11 -29.64
C VAL B 326 7.83 -2.58 -28.32
N LYS B 327 8.35 -2.07 -27.21
CA LYS B 327 7.84 -2.40 -25.89
C LYS B 327 6.88 -1.30 -25.40
N ALA B 328 5.96 -1.68 -24.52
CA ALA B 328 5.02 -0.71 -23.97
C ALA B 328 5.71 0.23 -22.98
N HIS B 329 6.67 -0.29 -22.21
CA HIS B 329 7.34 0.54 -21.21
C HIS B 329 8.20 1.63 -21.86
N GLN B 330 8.75 1.36 -23.05
CA GLN B 330 9.51 2.39 -23.75
C GLN B 330 8.61 3.56 -24.13
N VAL B 331 7.40 3.27 -24.57
CA VAL B 331 6.44 4.33 -24.89
C VAL B 331 6.00 5.04 -23.61
N LYS B 332 5.82 4.28 -22.53
CA LYS B 332 5.31 4.87 -21.30
C LYS B 332 6.32 5.81 -20.67
N ASN B 333 7.61 5.45 -20.71
CA ASN B 333 8.66 6.22 -20.04
C ASN B 333 8.87 7.61 -20.63
N HIS B 334 8.22 7.93 -21.75
CA HIS B 334 8.24 9.28 -22.29
C HIS B 334 7.01 10.09 -21.93
N MET B 335 6.08 9.50 -21.19
CA MET B 335 4.80 10.12 -20.89
C MET B 335 4.80 10.75 -19.51
N TRP B 336 4.16 11.91 -19.39
CA TRP B 336 3.86 12.55 -18.12
C TRP B 336 2.37 12.85 -18.15
N ILE B 337 1.59 12.10 -17.38
CA ILE B 337 0.14 12.11 -17.50
C ILE B 337 -0.47 12.68 -16.22
N PHE B 338 -1.53 13.46 -16.40
CA PHE B 338 -2.30 14.05 -15.31
C PHE B 338 -3.74 13.57 -15.46
N VAL B 339 -4.26 12.96 -14.39
CA VAL B 339 -5.62 12.41 -14.41
C VAL B 339 -6.38 12.94 -13.20
N ASN B 340 -7.55 13.52 -13.46
CA ASN B 340 -8.50 13.86 -12.40
C ASN B 340 -9.76 13.05 -12.67
N ALA B 341 -10.07 12.13 -11.77
CA ALA B 341 -11.14 11.17 -11.98
C ALA B 341 -12.05 11.10 -10.76
N LEU B 342 -13.32 10.78 -11.01
CA LEU B 342 -14.30 10.52 -9.97
C LEU B 342 -14.74 9.06 -10.11
N ILE B 343 -14.40 8.24 -9.12
CA ILE B 343 -14.63 6.80 -9.17
C ILE B 343 -15.65 6.44 -8.12
N GLU B 344 -16.59 5.56 -8.48
CA GLU B 344 -17.59 5.08 -7.55
C GLU B 344 -16.99 4.05 -6.61
N ASN B 345 -17.24 4.21 -5.31
CA ASN B 345 -16.76 3.35 -4.23
C ASN B 345 -15.36 2.79 -4.50
N PRO B 346 -14.34 3.64 -4.59
CA PRO B 346 -12.99 3.13 -4.90
C PRO B 346 -12.44 2.26 -3.78
N THR B 347 -11.52 1.37 -4.16
CA THR B 347 -10.75 0.59 -3.21
C THR B 347 -9.28 0.97 -3.33
N PHE B 348 -8.55 0.77 -2.24
CA PHE B 348 -7.14 1.13 -2.19
C PHE B 348 -6.37 0.04 -1.44
N ASP B 349 -5.04 0.12 -1.53
CA ASP B 349 -4.20 -0.85 -0.83
C ASP B 349 -4.20 -0.63 0.67
N SER B 350 -4.38 0.60 1.13
CA SER B 350 -4.19 0.94 2.53
C SER B 350 -5.06 2.14 2.87
N GLN B 351 -5.06 2.48 4.15
CA GLN B 351 -5.81 3.65 4.61
C GLN B 351 -5.29 4.93 3.96
N THR B 352 -4.00 4.99 3.62
CA THR B 352 -3.44 6.21 3.05
C THR B 352 -3.91 6.45 1.62
N LYS B 353 -4.44 5.43 0.96
CA LYS B 353 -5.11 5.58 -0.34
C LYS B 353 -4.19 6.22 -1.39
N GLU B 354 -2.97 5.70 -1.47
CA GLU B 354 -2.04 6.18 -2.48
C GLU B 354 -2.11 5.37 -3.77
N ASN B 355 -2.74 4.20 -3.75
CA ASN B 355 -2.86 3.34 -4.92
C ASN B 355 -4.31 2.86 -5.04
N MET B 356 -4.99 3.30 -6.10
CA MET B 356 -6.40 2.99 -6.32
C MET B 356 -6.49 1.68 -7.09
N THR B 357 -7.05 0.64 -6.45
CA THR B 357 -6.99 -0.71 -6.97
C THR B 357 -8.29 -1.19 -7.61
N LEU B 358 -9.30 -0.33 -7.75
CA LEU B 358 -10.59 -0.77 -8.27
C LEU B 358 -10.48 -1.08 -9.76
N GLN B 359 -11.09 -2.20 -10.17
CA GLN B 359 -11.08 -2.59 -11.57
C GLN B 359 -11.93 -1.63 -12.40
N PRO B 360 -11.54 -1.34 -13.65
CA PRO B 360 -12.29 -0.37 -14.45
C PRO B 360 -13.75 -0.73 -14.66
N LYS B 361 -14.09 -2.01 -14.64
CA LYS B 361 -15.49 -2.40 -14.83
C LYS B 361 -16.39 -1.91 -13.70
N SER B 362 -15.82 -1.62 -12.53
CA SER B 362 -16.57 -1.11 -11.39
C SER B 362 -16.46 0.41 -11.25
N PHE B 363 -15.88 1.09 -12.24
CA PHE B 363 -15.65 2.53 -12.10
C PHE B 363 -16.95 3.32 -11.98
N GLY B 364 -18.04 2.80 -12.56
CA GLY B 364 -19.27 3.56 -12.66
C GLY B 364 -19.30 4.55 -13.80
N SER B 365 -18.21 4.68 -14.54
CA SER B 365 -18.14 5.54 -15.71
C SER B 365 -17.05 5.00 -16.63
N THR B 366 -16.97 5.59 -17.82
CA THR B 366 -15.97 5.23 -18.80
C THR B 366 -15.12 6.45 -19.12
N CYS B 367 -14.02 6.23 -19.83
CA CYS B 367 -13.11 7.31 -20.20
C CYS B 367 -12.43 6.93 -21.52
N GLN B 368 -13.22 6.89 -22.59
CA GLN B 368 -12.68 6.63 -23.92
C GLN B 368 -12.10 7.92 -24.49
N LEU B 369 -10.82 7.92 -24.80
CA LEU B 369 -10.17 9.12 -25.32
C LEU B 369 -10.61 9.39 -26.75
N SER B 370 -10.84 10.66 -27.07
CA SER B 370 -11.29 11.04 -28.38
C SER B 370 -10.21 10.77 -29.43
N GLU B 371 -10.65 10.59 -30.67
CA GLU B 371 -9.69 10.38 -31.76
C GLU B 371 -8.87 11.63 -32.02
N LYS B 372 -9.40 12.81 -31.70
CA LYS B 372 -8.60 14.03 -31.79
C LYS B 372 -7.48 14.02 -30.76
N PHE B 373 -7.80 13.65 -29.52
CA PHE B 373 -6.77 13.53 -28.49
C PHE B 373 -5.71 12.51 -28.87
N ILE B 374 -6.14 11.37 -29.40
CA ILE B 374 -5.18 10.34 -29.82
C ILE B 374 -4.28 10.86 -30.94
N LYS B 375 -4.88 11.51 -31.94
CA LYS B 375 -4.10 12.03 -33.05
C LYS B 375 -3.12 13.11 -32.59
N ALA B 376 -3.53 13.93 -31.61
CA ALA B 376 -2.61 14.91 -31.06
C ALA B 376 -1.50 14.24 -30.26
N ALA B 377 -1.77 13.07 -29.68
CA ALA B 377 -0.71 12.29 -29.04
C ALA B 377 0.25 11.71 -30.05
N ILE B 378 -0.25 11.34 -31.25
CA ILE B 378 0.65 10.87 -32.31
C ILE B 378 1.60 11.98 -32.71
N GLY B 379 1.13 13.23 -32.70
CA GLY B 379 1.94 14.35 -33.16
C GLY B 379 3.13 14.69 -32.28
N CYS B 380 3.10 14.27 -31.01
CA CYS B 380 4.22 14.55 -30.13
C CYS B 380 5.44 13.72 -30.55
N GLY B 381 6.59 14.11 -30.01
CA GLY B 381 7.85 13.51 -30.43
C GLY B 381 8.10 12.13 -29.84
N ILE B 382 7.10 11.56 -29.17
CA ILE B 382 7.26 10.22 -28.61
C ILE B 382 7.39 9.20 -29.74
N VAL B 383 6.43 9.18 -30.65
CA VAL B 383 6.46 8.26 -31.79
C VAL B 383 7.72 8.49 -32.62
N GLU B 384 8.10 9.77 -32.80
CA GLU B 384 9.28 10.08 -33.60
C GLU B 384 10.56 9.56 -32.96
N SER B 385 10.72 9.79 -31.65
CA SER B 385 11.90 9.29 -30.95
C SER B 385 11.96 7.77 -30.98
N ILE B 386 10.82 7.11 -30.80
CA ILE B 386 10.83 5.65 -30.78
C ILE B 386 11.12 5.09 -32.17
N LEU B 387 10.57 5.72 -33.21
CA LEU B 387 10.86 5.30 -34.58
C LEU B 387 12.33 5.50 -34.92
N ASN B 388 12.92 6.59 -34.44
CA ASN B 388 14.36 6.78 -34.63
C ASN B 388 15.18 5.79 -33.80
N TRP B 389 14.62 5.28 -32.70
CA TRP B 389 15.30 4.25 -31.94
C TRP B 389 15.32 2.92 -32.69
N VAL B 390 14.16 2.50 -33.23
CA VAL B 390 14.03 1.17 -33.80
C VAL B 390 14.91 0.96 -35.02
N LYS B 391 15.36 2.03 -35.68
CA LYS B 391 16.21 1.88 -36.86
C LYS B 391 17.52 1.20 -36.49
N PHE B 392 18.13 1.63 -35.39
CA PHE B 392 19.35 1.00 -34.90
C PHE B 392 19.04 -0.36 -34.29
#